data_2XC7
#
_entry.id   2XC7
#
_cell.length_a   1.000
_cell.length_b   1.000
_cell.length_c   1.000
_cell.angle_alpha   90.00
_cell.angle_beta   90.00
_cell.angle_gamma   90.00
#
_symmetry.space_group_name_H-M   'P 1'
#
loop_
_entity.id
_entity.type
_entity.pdbx_description
1 polymer 'PHOSPHORYLATED ADAPTER RNA EXPORT PROTEIN'
2 polymer "5'-(AP*UP*CP*GP)-3'"
#
loop_
_entity_poly.entity_id
_entity_poly.type
_entity_poly.pdbx_seq_one_letter_code
_entity_poly.pdbx_strand_id
1 'polypeptide(L)'
;GAMAEDSQEKVADEISFRLQEPKKDLIARVVRIIGNKKAIELLMETAEVEQNGGLFIMNGSRRRTPGGVFLNLLKNTPSI
SEEQIKDIFYIENQKEYENKKAAR
;
A
2 'polyribonucleotide' AUCG P
#
# COMPACT_ATOMS: atom_id res chain seq x y z
N GLY A 1 0.49 -15.98 19.01
CA GLY A 1 -0.90 -15.53 19.27
C GLY A 1 -1.05 -14.93 20.65
N ALA A 2 -0.64 -13.68 20.81
CA ALA A 2 -0.74 -13.00 22.09
C ALA A 2 -1.27 -11.59 21.92
N MET A 3 -0.65 -10.81 21.04
CA MET A 3 -1.03 -9.42 20.84
C MET A 3 -1.64 -9.23 19.46
N ALA A 4 -0.86 -9.54 18.44
CA ALA A 4 -1.29 -9.39 17.06
C ALA A 4 -0.29 -10.09 16.14
N GLU A 5 0.92 -10.26 16.67
CA GLU A 5 1.99 -11.02 16.02
C GLU A 5 2.40 -10.32 14.73
N ASP A 6 2.40 -9.00 14.78
CA ASP A 6 2.67 -8.18 13.60
C ASP A 6 4.15 -8.17 13.22
N SER A 7 4.68 -9.32 12.88
CA SER A 7 6.00 -9.40 12.30
C SER A 7 5.92 -8.92 10.85
N GLN A 8 6.70 -7.88 10.53
CA GLN A 8 6.57 -7.17 9.26
C GLN A 8 6.71 -8.10 8.05
N GLU A 9 7.49 -9.17 8.19
CA GLU A 9 7.62 -10.14 7.13
C GLU A 9 6.29 -10.87 6.92
N LYS A 10 5.71 -11.33 8.02
CA LYS A 10 4.38 -11.95 7.98
C LYS A 10 3.34 -10.95 7.51
N VAL A 11 3.46 -9.72 7.98
CA VAL A 11 2.55 -8.66 7.59
C VAL A 11 2.55 -8.47 6.08
N ALA A 12 3.73 -8.25 5.51
CA ALA A 12 3.88 -8.05 4.07
C ALA A 12 3.29 -9.22 3.28
N ASP A 13 3.52 -10.44 3.77
CA ASP A 13 3.00 -11.65 3.14
C ASP A 13 1.48 -11.69 3.27
N GLU A 14 0.97 -11.15 4.36
CA GLU A 14 -0.47 -11.12 4.63
C GLU A 14 -1.16 -10.11 3.72
N ILE A 15 -0.62 -8.89 3.63
CA ILE A 15 -1.23 -7.84 2.81
C ILE A 15 -1.35 -8.31 1.36
N SER A 16 -0.24 -8.79 0.83
CA SER A 16 -0.17 -9.18 -0.57
C SER A 16 -1.18 -10.27 -0.90
N PHE A 17 -1.39 -11.18 0.03
CA PHE A 17 -2.36 -12.25 -0.15
C PHE A 17 -3.79 -11.69 -0.10
N ARG A 18 -4.05 -10.84 0.88
CA ARG A 18 -5.41 -10.35 1.11
C ARG A 18 -5.87 -9.37 0.04
N LEU A 19 -4.94 -8.63 -0.54
CA LEU A 19 -5.27 -7.69 -1.59
C LEU A 19 -5.11 -8.32 -2.96
N GLN A 20 -4.70 -9.59 -2.97
CA GLN A 20 -4.37 -10.32 -4.20
C GLN A 20 -3.39 -9.48 -5.02
N GLU A 21 -2.41 -8.93 -4.32
CA GLU A 21 -1.50 -7.94 -4.87
C GLU A 21 -0.70 -8.48 -6.06
N PRO A 22 -0.86 -7.83 -7.21
CA PRO A 22 -0.09 -8.12 -8.44
C PRO A 22 1.41 -7.82 -8.29
N LYS A 23 1.72 -6.73 -7.61
CA LYS A 23 3.09 -6.23 -7.54
C LYS A 23 3.55 -6.19 -6.09
N LYS A 24 3.61 -7.37 -5.50
CA LYS A 24 3.71 -7.53 -4.05
C LYS A 24 4.91 -6.81 -3.41
N ASP A 25 5.90 -6.43 -4.21
CA ASP A 25 7.01 -5.63 -3.69
C ASP A 25 6.51 -4.28 -3.20
N LEU A 26 5.45 -3.79 -3.83
CA LEU A 26 4.84 -2.52 -3.48
C LEU A 26 4.07 -2.65 -2.16
N ILE A 27 3.20 -3.64 -2.09
CA ILE A 27 2.36 -3.84 -0.91
C ILE A 27 3.22 -4.15 0.32
N ALA A 28 4.36 -4.80 0.12
CA ALA A 28 5.32 -5.05 1.19
C ALA A 28 6.04 -3.77 1.55
N ARG A 29 6.24 -2.93 0.55
CA ARG A 29 6.91 -1.66 0.73
C ARG A 29 6.15 -0.73 1.66
N VAL A 30 4.82 -0.70 1.53
CA VAL A 30 3.98 0.11 2.42
C VAL A 30 4.31 -0.24 3.85
N VAL A 31 4.40 -1.54 4.09
CA VAL A 31 4.83 -2.11 5.35
C VAL A 31 6.17 -1.52 5.80
N ARG A 32 7.17 -1.64 4.95
CA ARG A 32 8.52 -1.19 5.25
C ARG A 32 8.54 0.30 5.57
N ILE A 33 7.78 1.08 4.81
CA ILE A 33 7.77 2.53 4.96
C ILE A 33 6.99 2.99 6.20
N ILE A 34 5.74 2.54 6.36
CA ILE A 34 4.90 3.10 7.42
C ILE A 34 5.06 2.34 8.73
N GLY A 35 5.39 1.05 8.65
CA GLY A 35 5.54 0.26 9.85
C GLY A 35 4.77 -1.04 9.79
N ASN A 36 5.22 -2.02 10.57
CA ASN A 36 4.59 -3.33 10.61
C ASN A 36 3.14 -3.26 11.09
N LYS A 37 2.92 -2.61 12.23
CA LYS A 37 1.58 -2.49 12.78
C LYS A 37 0.75 -1.53 11.94
N LYS A 38 1.40 -0.48 11.46
CA LYS A 38 0.74 0.55 10.66
C LYS A 38 0.11 -0.04 9.41
N ALA A 39 0.70 -1.12 8.90
CA ALA A 39 0.14 -1.84 7.76
C ALA A 39 -1.11 -2.61 8.17
N ILE A 40 -1.08 -3.18 9.38
CA ILE A 40 -2.23 -3.93 9.90
C ILE A 40 -3.37 -2.98 10.27
N GLU A 41 -3.00 -1.80 10.75
CA GLU A 41 -3.97 -0.74 11.01
C GLU A 41 -4.76 -0.47 9.73
N LEU A 42 -4.04 -0.49 8.61
CA LEU A 42 -4.66 -0.30 7.31
C LEU A 42 -5.58 -1.46 6.96
N LEU A 43 -5.21 -2.68 7.36
CA LEU A 43 -6.05 -3.86 7.09
C LEU A 43 -7.43 -3.70 7.75
N MET A 44 -7.45 -3.12 8.93
CA MET A 44 -8.73 -2.88 9.60
C MET A 44 -9.47 -1.74 8.90
N GLU A 45 -8.71 -0.77 8.44
CA GLU A 45 -9.26 0.38 7.76
C GLU A 45 -9.80 0.02 6.38
N THR A 46 -9.21 -1.02 5.76
CA THR A 46 -9.68 -1.47 4.45
C THR A 46 -11.13 -1.93 4.53
N ALA A 47 -11.49 -2.55 5.66
CA ALA A 47 -12.87 -2.94 5.90
C ALA A 47 -13.77 -1.73 6.02
N GLU A 48 -13.24 -0.65 6.59
CA GLU A 48 -13.98 0.59 6.72
C GLU A 48 -14.20 1.21 5.34
N VAL A 49 -13.18 1.13 4.50
CA VAL A 49 -13.30 1.56 3.11
C VAL A 49 -14.21 0.60 2.35
N GLU A 50 -14.17 -0.67 2.73
CA GLU A 50 -15.02 -1.69 2.13
C GLU A 50 -16.49 -1.37 2.32
N GLN A 51 -16.85 -0.94 3.53
CA GLN A 51 -18.24 -0.68 3.86
C GLN A 51 -18.73 0.60 3.19
N ASN A 52 -17.81 1.47 2.78
CA ASN A 52 -18.17 2.74 2.17
C ASN A 52 -18.04 2.68 0.65
N GLY A 53 -17.19 1.78 0.16
CA GLY A 53 -17.03 1.59 -1.27
C GLY A 53 -16.21 2.69 -1.93
N GLY A 54 -15.12 3.11 -1.28
CA GLY A 54 -14.34 4.23 -1.80
C GLY A 54 -12.99 3.81 -2.37
N LEU A 55 -12.71 4.26 -3.60
CA LEU A 55 -11.38 4.13 -4.21
C LEU A 55 -11.34 4.79 -5.56
N PHE A 56 -10.40 5.69 -5.75
CA PHE A 56 -10.04 6.18 -7.06
C PHE A 56 -8.55 5.96 -7.27
N ILE A 57 -8.22 5.02 -8.14
CA ILE A 57 -6.83 4.68 -8.39
C ILE A 57 -6.20 5.63 -9.40
N MET A 58 -4.96 5.37 -9.76
CA MET A 58 -4.21 6.28 -10.61
C MET A 58 -4.94 6.65 -11.91
N ASN A 59 -5.67 5.69 -12.49
CA ASN A 59 -6.38 5.96 -13.74
C ASN A 59 -7.80 6.52 -13.51
N GLY A 60 -8.47 6.05 -12.45
CA GLY A 60 -9.84 6.48 -12.16
C GLY A 60 -10.87 5.71 -12.96
N SER A 61 -10.43 5.09 -14.06
CA SER A 61 -11.29 4.26 -14.88
C SER A 61 -11.63 2.98 -14.15
N ARG A 62 -10.60 2.22 -13.80
CA ARG A 62 -10.78 1.13 -12.88
C ARG A 62 -11.10 1.72 -11.52
N ARG A 63 -12.04 1.12 -10.83
CA ARG A 63 -12.55 1.69 -9.60
C ARG A 63 -12.83 0.57 -8.60
N ARG A 64 -12.24 0.69 -7.42
CA ARG A 64 -12.34 -0.33 -6.38
C ARG A 64 -11.71 -1.65 -6.82
N THR A 65 -10.45 -1.58 -7.21
CA THR A 65 -9.65 -2.79 -7.38
C THR A 65 -9.19 -3.26 -6.00
N PRO A 66 -9.21 -4.57 -5.73
CA PRO A 66 -8.93 -5.14 -4.38
C PRO A 66 -7.70 -4.52 -3.73
N GLY A 67 -6.55 -4.67 -4.38
CA GLY A 67 -5.34 -4.06 -3.86
C GLY A 67 -5.42 -2.55 -3.88
N GLY A 68 -6.01 -2.04 -4.95
CA GLY A 68 -6.16 -0.61 -5.13
C GLY A 68 -6.90 0.05 -3.98
N VAL A 69 -7.88 -0.66 -3.41
CA VAL A 69 -8.62 -0.17 -2.25
C VAL A 69 -7.67 0.09 -1.10
N PHE A 70 -6.73 -0.82 -0.90
CA PHE A 70 -5.69 -0.63 0.08
C PHE A 70 -4.79 0.54 -0.33
N LEU A 71 -4.53 0.68 -1.63
CA LEU A 71 -3.72 1.81 -2.10
C LEU A 71 -4.39 3.11 -1.67
N ASN A 72 -5.72 3.10 -1.66
CA ASN A 72 -6.52 4.25 -1.23
C ASN A 72 -6.18 4.60 0.21
N LEU A 73 -5.83 3.59 0.99
CA LEU A 73 -5.50 3.75 2.40
C LEU A 73 -4.36 4.72 2.61
N LEU A 74 -3.41 4.75 1.70
CA LEU A 74 -2.30 5.70 1.82
C LEU A 74 -2.79 7.15 1.67
N LYS A 75 -3.97 7.31 1.07
CA LYS A 75 -4.59 8.63 0.99
C LYS A 75 -5.54 8.84 2.16
N ASN A 76 -6.17 7.76 2.58
CA ASN A 76 -7.21 7.80 3.60
C ASN A 76 -6.60 7.70 5.00
N THR A 77 -5.33 7.32 5.04
CA THR A 77 -4.62 7.13 6.30
C THR A 77 -4.54 8.43 7.08
N PRO A 78 -4.92 8.38 8.36
CA PRO A 78 -5.06 9.55 9.21
C PRO A 78 -3.73 10.16 9.66
N SER A 79 -2.77 9.32 10.00
CA SER A 79 -1.57 9.77 10.69
C SER A 79 -0.28 9.67 9.86
N ILE A 80 -0.38 9.51 8.55
CA ILE A 80 0.83 9.37 7.73
C ILE A 80 1.02 10.57 6.81
N SER A 81 2.27 11.02 6.72
CA SER A 81 2.63 12.14 5.89
C SER A 81 2.62 11.76 4.40
N GLU A 82 2.15 12.70 3.58
CA GLU A 82 1.95 12.47 2.14
C GLU A 82 3.25 12.17 1.41
N GLU A 83 4.37 12.66 1.93
CA GLU A 83 5.67 12.38 1.30
C GLU A 83 5.90 10.87 1.23
N GLN A 84 5.65 10.20 2.35
CA GLN A 84 5.79 8.75 2.43
C GLN A 84 4.85 8.09 1.43
N ILE A 85 3.66 8.65 1.31
CA ILE A 85 2.64 8.14 0.41
C ILE A 85 3.14 8.14 -1.04
N LYS A 86 3.66 9.29 -1.46
CA LYS A 86 4.25 9.44 -2.78
C LYS A 86 5.43 8.48 -2.93
N ASP A 87 6.24 8.40 -1.89
CA ASP A 87 7.48 7.62 -1.93
C ASP A 87 7.19 6.13 -2.12
N ILE A 88 6.10 5.65 -1.56
CA ILE A 88 5.78 4.24 -1.61
C ILE A 88 5.38 3.80 -3.03
N PHE A 89 4.19 4.19 -3.48
CA PHE A 89 3.63 3.61 -4.71
C PHE A 89 3.67 4.56 -5.89
N TYR A 90 3.86 5.84 -5.63
CA TYR A 90 3.78 6.83 -6.69
C TYR A 90 5.05 6.82 -7.52
N ILE A 91 6.13 6.36 -6.91
CA ILE A 91 7.38 6.16 -7.63
C ILE A 91 7.36 4.82 -8.35
N GLU A 92 6.51 3.92 -7.84
CA GLU A 92 6.36 2.56 -8.35
C GLU A 92 7.71 1.84 -8.42
N ASN A 93 8.36 1.90 -9.58
CA ASN A 93 9.64 1.25 -9.78
C ASN A 93 10.50 2.08 -10.73
N GLN A 94 10.18 3.37 -10.83
CA GLN A 94 10.88 4.27 -11.73
C GLN A 94 12.36 4.35 -11.39
N LYS A 95 13.20 4.38 -12.41
CA LYS A 95 14.64 4.50 -12.22
C LYS A 95 15.16 5.66 -13.07
N GLU A 96 16.47 5.86 -13.10
CA GLU A 96 17.03 7.00 -13.80
C GLU A 96 18.14 6.57 -14.75
N TYR A 97 17.95 6.87 -16.02
CA TYR A 97 19.00 6.69 -17.02
C TYR A 97 19.91 7.90 -17.04
N GLU A 98 20.51 8.20 -15.89
CA GLU A 98 21.37 9.38 -15.73
C GLU A 98 20.60 10.66 -16.01
N ASN A 99 19.29 10.58 -15.78
CA ASN A 99 18.38 11.73 -15.92
C ASN A 99 18.28 12.22 -17.35
N LYS A 100 19.24 13.02 -17.79
CA LYS A 100 19.20 13.60 -19.12
C LYS A 100 20.36 13.06 -19.96
N LYS A 101 21.56 13.24 -19.46
CA LYS A 101 22.76 12.87 -20.19
C LYS A 101 23.11 11.41 -19.96
N ALA A 102 22.41 10.53 -20.65
CA ALA A 102 22.71 9.11 -20.60
C ALA A 102 23.85 8.79 -21.55
N ALA A 103 25.06 8.78 -21.02
CA ALA A 103 26.25 8.53 -21.83
C ALA A 103 26.38 7.05 -22.18
N ARG A 104 25.81 6.68 -23.31
CA ARG A 104 25.89 5.33 -23.81
C ARG A 104 26.96 5.23 -24.88
N GLY A 1 3.68 -11.53 24.51
CA GLY A 1 3.73 -10.56 23.39
C GLY A 1 5.07 -9.85 23.32
N ALA A 2 5.11 -8.76 22.56
CA ALA A 2 6.30 -7.94 22.41
C ALA A 2 7.48 -8.75 21.92
N MET A 3 7.24 -9.61 20.93
CA MET A 3 8.31 -10.44 20.38
C MET A 3 8.30 -10.39 18.86
N ALA A 4 7.22 -10.88 18.27
CA ALA A 4 7.13 -10.96 16.82
C ALA A 4 5.67 -11.15 16.40
N GLU A 5 4.81 -10.27 16.87
CA GLU A 5 3.39 -10.34 16.54
C GLU A 5 3.18 -9.95 15.09
N ASP A 6 3.80 -8.85 14.69
CA ASP A 6 3.65 -8.33 13.35
C ASP A 6 5.02 -8.28 12.67
N SER A 7 5.67 -9.43 12.57
CA SER A 7 6.95 -9.52 11.87
C SER A 7 6.78 -9.05 10.43
N GLN A 8 7.60 -8.07 10.03
CA GLN A 8 7.43 -7.37 8.77
C GLN A 8 7.45 -8.31 7.58
N GLU A 9 8.23 -9.38 7.69
CA GLU A 9 8.34 -10.38 6.63
C GLU A 9 7.03 -11.16 6.51
N LYS A 10 6.46 -11.52 7.65
CA LYS A 10 5.17 -12.20 7.69
C LYS A 10 4.05 -11.24 7.30
N VAL A 11 4.17 -9.99 7.75
CA VAL A 11 3.20 -8.95 7.43
C VAL A 11 3.09 -8.75 5.92
N ALA A 12 4.23 -8.56 5.27
CA ALA A 12 4.26 -8.36 3.82
C ALA A 12 3.54 -9.48 3.08
N ASP A 13 3.69 -10.70 3.60
CA ASP A 13 3.05 -11.87 3.01
C ASP A 13 1.53 -11.78 3.19
N GLU A 14 1.12 -11.36 4.38
CA GLU A 14 -0.29 -11.22 4.71
C GLU A 14 -0.99 -10.17 3.86
N ILE A 15 -0.37 -9.00 3.73
CA ILE A 15 -1.01 -7.90 3.00
C ILE A 15 -1.27 -8.30 1.55
N SER A 16 -0.23 -8.83 0.90
CA SER A 16 -0.31 -9.21 -0.51
C SER A 16 -1.38 -10.27 -0.75
N PHE A 17 -1.56 -11.13 0.24
CA PHE A 17 -2.55 -12.20 0.16
C PHE A 17 -3.96 -11.62 0.25
N ARG A 18 -4.15 -10.70 1.20
CA ARG A 18 -5.48 -10.18 1.48
C ARG A 18 -5.95 -9.20 0.42
N LEU A 19 -5.01 -8.48 -0.19
CA LEU A 19 -5.35 -7.60 -1.30
C LEU A 19 -5.41 -8.38 -2.60
N GLN A 20 -4.87 -9.60 -2.58
CA GLN A 20 -4.66 -10.38 -3.80
C GLN A 20 -3.86 -9.54 -4.78
N GLU A 21 -3.02 -8.69 -4.20
CA GLU A 21 -2.34 -7.63 -4.93
C GLU A 21 -1.25 -8.17 -5.84
N PRO A 22 -1.24 -7.69 -7.10
CA PRO A 22 -0.25 -8.05 -8.13
C PRO A 22 1.17 -7.62 -7.79
N LYS A 23 1.32 -6.37 -7.39
CA LYS A 23 2.62 -5.78 -7.13
C LYS A 23 3.01 -5.99 -5.66
N LYS A 24 3.29 -7.23 -5.34
CA LYS A 24 3.50 -7.67 -3.95
C LYS A 24 4.76 -7.07 -3.34
N ASP A 25 5.73 -6.68 -4.17
CA ASP A 25 6.92 -6.00 -3.69
C ASP A 25 6.55 -4.64 -3.11
N LEU A 26 5.58 -4.00 -3.74
CA LEU A 26 5.14 -2.67 -3.33
C LEU A 26 4.34 -2.75 -2.04
N ILE A 27 3.48 -3.77 -1.92
CA ILE A 27 2.67 -3.94 -0.72
C ILE A 27 3.56 -4.19 0.49
N ALA A 28 4.71 -4.83 0.24
CA ALA A 28 5.72 -5.03 1.27
C ALA A 28 6.45 -3.74 1.57
N ARG A 29 6.62 -2.91 0.55
CA ARG A 29 7.26 -1.62 0.72
C ARG A 29 6.45 -0.73 1.67
N VAL A 30 5.13 -0.75 1.52
CA VAL A 30 4.26 0.02 2.42
C VAL A 30 4.58 -0.35 3.85
N VAL A 31 4.72 -1.65 4.07
CA VAL A 31 5.13 -2.20 5.35
C VAL A 31 6.42 -1.57 5.85
N ARG A 32 7.40 -1.51 4.95
CA ARG A 32 8.71 -0.96 5.29
C ARG A 32 8.59 0.51 5.70
N ILE A 33 7.85 1.27 4.91
CA ILE A 33 7.76 2.72 5.08
C ILE A 33 6.91 3.11 6.29
N ILE A 34 5.68 2.59 6.37
CA ILE A 34 4.74 3.04 7.39
C ILE A 34 4.94 2.30 8.71
N GLY A 35 5.42 1.07 8.64
CA GLY A 35 5.61 0.30 9.84
C GLY A 35 4.78 -0.97 9.86
N ASN A 36 5.24 -1.95 10.63
CA ASN A 36 4.60 -3.26 10.67
C ASN A 36 3.15 -3.17 11.13
N LYS A 37 2.91 -2.46 12.24
CA LYS A 37 1.57 -2.39 12.80
C LYS A 37 0.65 -1.54 11.93
N LYS A 38 1.23 -0.51 11.30
CA LYS A 38 0.46 0.40 10.46
C LYS A 38 -0.12 -0.33 9.27
N ALA A 39 0.59 -1.34 8.79
CA ALA A 39 0.11 -2.16 7.68
C ALA A 39 -1.15 -2.91 8.09
N ILE A 40 -1.13 -3.49 9.29
CA ILE A 40 -2.29 -4.20 9.83
C ILE A 40 -3.44 -3.23 10.07
N GLU A 41 -3.10 -2.05 10.57
CA GLU A 41 -4.09 -1.00 10.82
C GLU A 41 -4.82 -0.64 9.52
N LEU A 42 -4.07 -0.52 8.44
CA LEU A 42 -4.66 -0.24 7.13
C LEU A 42 -5.57 -1.38 6.69
N LEU A 43 -5.17 -2.61 6.99
CA LEU A 43 -5.99 -3.78 6.65
C LEU A 43 -7.35 -3.72 7.34
N MET A 44 -7.38 -3.12 8.51
CA MET A 44 -8.64 -2.91 9.22
C MET A 44 -9.42 -1.79 8.53
N GLU A 45 -8.70 -0.76 8.09
CA GLU A 45 -9.31 0.40 7.45
C GLU A 45 -9.86 0.09 6.06
N THR A 46 -9.32 -0.93 5.39
CA THR A 46 -9.80 -1.31 4.06
C THR A 46 -11.31 -1.51 4.05
N ALA A 47 -11.81 -2.14 5.10
CA ALA A 47 -13.23 -2.43 5.23
C ALA A 47 -14.06 -1.15 5.24
N GLU A 48 -13.51 -0.09 5.82
CA GLU A 48 -14.21 1.19 5.90
C GLU A 48 -14.32 1.81 4.51
N VAL A 49 -13.32 1.60 3.69
CA VAL A 49 -13.35 2.04 2.30
C VAL A 49 -14.25 1.12 1.46
N GLU A 50 -14.20 -0.17 1.79
CA GLU A 50 -15.03 -1.16 1.11
C GLU A 50 -16.52 -0.87 1.30
N GLN A 51 -16.90 -0.51 2.53
CA GLN A 51 -18.30 -0.19 2.82
C GLN A 51 -18.71 1.12 2.16
N ASN A 52 -17.74 1.99 1.93
CA ASN A 52 -18.00 3.28 1.30
C ASN A 52 -18.05 3.16 -0.21
N GLY A 53 -17.37 2.14 -0.72
CA GLY A 53 -17.32 1.92 -2.15
C GLY A 53 -16.43 2.93 -2.84
N GLY A 54 -15.26 3.20 -2.26
CA GLY A 54 -14.45 4.30 -2.73
C GLY A 54 -13.12 3.89 -3.34
N LEU A 55 -12.89 4.35 -4.57
CA LEU A 55 -11.56 4.35 -5.15
C LEU A 55 -11.55 5.01 -6.53
N PHE A 56 -10.66 5.96 -6.69
CA PHE A 56 -10.29 6.44 -8.00
C PHE A 56 -8.80 6.18 -8.17
N ILE A 57 -8.47 5.28 -9.09
CA ILE A 57 -7.09 4.86 -9.29
C ILE A 57 -6.37 5.78 -10.27
N MET A 58 -5.21 5.33 -10.77
CA MET A 58 -4.34 6.14 -11.62
C MET A 58 -5.13 6.93 -12.66
N ASN A 59 -6.07 6.26 -13.31
CA ASN A 59 -6.82 6.87 -14.40
C ASN A 59 -8.32 6.87 -14.10
N GLY A 60 -8.80 5.84 -13.41
CA GLY A 60 -10.18 5.83 -12.95
C GLY A 60 -11.12 4.90 -13.72
N SER A 61 -10.68 4.35 -14.86
CA SER A 61 -11.54 3.45 -15.63
C SER A 61 -11.80 2.16 -14.86
N ARG A 62 -10.71 1.50 -14.46
CA ARG A 62 -10.79 0.24 -13.71
C ARG A 62 -11.01 0.54 -12.23
N ARG A 63 -11.63 1.69 -11.95
CA ARG A 63 -11.72 2.23 -10.60
C ARG A 63 -12.12 1.19 -9.57
N ARG A 64 -11.39 1.19 -8.45
CA ARG A 64 -11.66 0.30 -7.32
C ARG A 64 -11.28 -1.15 -7.63
N THR A 65 -9.99 -1.42 -7.50
CA THR A 65 -9.46 -2.76 -7.58
C THR A 65 -9.10 -3.23 -6.16
N PRO A 66 -9.21 -4.54 -5.85
CA PRO A 66 -8.97 -5.07 -4.48
C PRO A 66 -7.71 -4.52 -3.85
N GLY A 67 -6.57 -4.75 -4.48
CA GLY A 67 -5.33 -4.19 -3.99
C GLY A 67 -5.38 -2.68 -4.04
N GLY A 68 -5.94 -2.17 -5.13
CA GLY A 68 -6.07 -0.74 -5.34
C GLY A 68 -6.80 -0.03 -4.23
N VAL A 69 -7.72 -0.72 -3.57
CA VAL A 69 -8.49 -0.15 -2.48
C VAL A 69 -7.57 0.12 -1.29
N PHE A 70 -6.58 -0.74 -1.13
CA PHE A 70 -5.54 -0.50 -0.15
C PHE A 70 -4.75 0.73 -0.55
N LEU A 71 -4.56 0.93 -1.86
CA LEU A 71 -3.83 2.10 -2.33
C LEU A 71 -4.55 3.35 -1.83
N ASN A 72 -5.88 3.28 -1.79
CA ASN A 72 -6.73 4.37 -1.31
C ASN A 72 -6.33 4.75 0.12
N LEU A 73 -5.94 3.74 0.88
CA LEU A 73 -5.57 3.89 2.28
C LEU A 73 -4.44 4.88 2.48
N LEU A 74 -3.49 4.89 1.56
CA LEU A 74 -2.34 5.78 1.67
C LEU A 74 -2.79 7.23 1.56
N LYS A 75 -3.86 7.46 0.82
CA LYS A 75 -4.41 8.80 0.71
C LYS A 75 -5.26 9.15 1.93
N ASN A 76 -6.07 8.19 2.35
CA ASN A 76 -7.04 8.41 3.41
C ASN A 76 -6.54 7.88 4.74
N THR A 77 -5.22 7.82 4.90
CA THR A 77 -4.64 7.35 6.16
C THR A 77 -4.63 8.48 7.18
N PRO A 78 -5.23 8.23 8.35
CA PRO A 78 -5.36 9.22 9.41
C PRO A 78 -4.06 9.46 10.17
N SER A 79 -3.07 8.62 9.93
CA SER A 79 -1.86 8.62 10.75
C SER A 79 -0.62 9.12 10.01
N ILE A 80 -0.65 9.08 8.67
CA ILE A 80 0.55 9.35 7.88
C ILE A 80 0.44 10.66 7.12
N SER A 81 1.52 11.42 7.07
CA SER A 81 1.55 12.68 6.36
C SER A 81 1.63 12.43 4.86
N GLU A 82 0.93 13.28 4.12
CA GLU A 82 0.68 13.09 2.68
C GLU A 82 1.95 12.98 1.85
N GLU A 83 2.97 13.75 2.22
CA GLU A 83 4.23 13.74 1.48
C GLU A 83 4.89 12.36 1.55
N GLN A 84 4.77 11.72 2.69
CA GLN A 84 5.40 10.43 2.93
C GLN A 84 4.73 9.36 2.07
N ILE A 85 3.50 9.65 1.68
CA ILE A 85 2.69 8.73 0.90
C ILE A 85 3.20 8.64 -0.53
N LYS A 86 3.67 9.77 -1.05
CA LYS A 86 4.15 9.88 -2.43
C LYS A 86 5.27 8.88 -2.71
N ASP A 87 6.11 8.64 -1.73
CA ASP A 87 7.31 7.84 -1.92
C ASP A 87 6.98 6.36 -2.09
N ILE A 88 5.92 5.92 -1.41
CA ILE A 88 5.62 4.50 -1.33
C ILE A 88 5.10 3.92 -2.65
N PHE A 89 3.87 4.26 -3.01
CA PHE A 89 3.18 3.55 -4.09
C PHE A 89 3.15 4.35 -5.39
N TYR A 90 3.36 5.65 -5.29
CA TYR A 90 3.23 6.55 -6.42
C TYR A 90 4.41 6.41 -7.39
N ILE A 91 5.52 5.93 -6.85
CA ILE A 91 6.75 5.81 -7.61
C ILE A 91 6.83 4.44 -8.31
N GLU A 92 5.88 3.56 -7.98
CA GLU A 92 5.85 2.19 -8.50
C GLU A 92 7.15 1.45 -8.22
N ASN A 93 8.05 1.46 -9.20
CA ASN A 93 9.33 0.79 -9.10
C ASN A 93 10.42 1.65 -9.70
N GLN A 94 10.12 2.94 -9.87
CA GLN A 94 11.07 3.88 -10.46
C GLN A 94 12.19 4.23 -9.48
N LYS A 95 13.10 3.29 -9.30
CA LYS A 95 14.30 3.50 -8.52
C LYS A 95 15.50 3.10 -9.36
N GLU A 96 16.35 4.07 -9.67
CA GLU A 96 17.45 3.83 -10.59
C GLU A 96 18.75 3.57 -9.84
N TYR A 97 19.06 4.42 -8.88
CA TYR A 97 20.34 4.39 -8.23
C TYR A 97 20.32 3.64 -6.91
N GLU A 98 20.02 2.35 -6.98
CA GLU A 98 20.27 1.45 -5.88
C GLU A 98 21.44 0.55 -6.27
N ASN A 99 22.46 0.53 -5.44
CA ASN A 99 23.69 -0.19 -5.77
C ASN A 99 23.55 -1.68 -5.57
N LYS A 100 22.93 -2.35 -6.54
CA LYS A 100 22.85 -3.80 -6.55
C LYS A 100 24.15 -4.36 -7.14
N LYS A 101 25.26 -3.94 -6.55
CA LYS A 101 26.59 -4.31 -7.01
C LYS A 101 27.57 -4.13 -5.86
N ALA A 102 28.55 -5.02 -5.79
CA ALA A 102 29.48 -5.05 -4.66
C ALA A 102 28.73 -5.29 -3.35
N ALA A 103 27.62 -6.00 -3.47
CA ALA A 103 26.74 -6.27 -2.33
C ALA A 103 25.90 -7.50 -2.62
N ARG A 104 24.84 -7.71 -1.83
CA ARG A 104 23.98 -8.87 -2.01
C ARG A 104 22.73 -8.49 -2.82
N GLY A 1 -4.73 -16.29 22.61
CA GLY A 1 -4.88 -14.95 22.02
C GLY A 1 -4.31 -13.87 22.92
N ALA A 2 -3.01 -13.95 23.17
CA ALA A 2 -2.35 -13.03 24.08
C ALA A 2 -1.79 -11.83 23.33
N MET A 3 -1.05 -12.10 22.26
CA MET A 3 -0.37 -11.04 21.52
C MET A 3 -0.03 -11.50 20.11
N ALA A 4 0.28 -10.54 19.26
CA ALA A 4 0.69 -10.82 17.90
C ALA A 4 1.98 -10.07 17.58
N GLU A 5 3.09 -10.80 17.58
CA GLU A 5 4.37 -10.20 17.24
C GLU A 5 4.56 -10.19 15.74
N ASP A 6 4.04 -9.14 15.12
CA ASP A 6 3.99 -9.02 13.67
C ASP A 6 5.35 -8.67 13.10
N SER A 7 5.98 -9.66 12.48
CA SER A 7 7.23 -9.46 11.78
C SER A 7 6.96 -8.86 10.41
N GLN A 8 7.63 -7.76 10.09
CA GLN A 8 7.28 -6.93 8.93
C GLN A 8 7.15 -7.71 7.63
N GLU A 9 8.08 -8.62 7.36
CA GLU A 9 8.06 -9.39 6.11
C GLU A 9 6.92 -10.41 6.14
N LYS A 10 6.66 -10.93 7.33
CA LYS A 10 5.55 -11.86 7.52
C LYS A 10 4.23 -11.13 7.30
N VAL A 11 4.15 -9.91 7.82
CA VAL A 11 2.98 -9.06 7.63
C VAL A 11 2.79 -8.75 6.15
N ALA A 12 3.89 -8.45 5.47
CA ALA A 12 3.86 -8.15 4.04
C ALA A 12 3.24 -9.30 3.25
N ASP A 13 3.59 -10.53 3.62
CA ASP A 13 3.05 -11.71 2.95
C ASP A 13 1.56 -11.85 3.24
N GLU A 14 1.14 -11.38 4.42
CA GLU A 14 -0.27 -11.37 4.77
C GLU A 14 -1.03 -10.39 3.88
N ILE A 15 -0.54 -9.16 3.77
CA ILE A 15 -1.23 -8.13 3.00
C ILE A 15 -1.37 -8.55 1.54
N SER A 16 -0.25 -8.99 0.95
CA SER A 16 -0.21 -9.35 -0.45
C SER A 16 -1.23 -10.44 -0.79
N PHE A 17 -1.31 -11.43 0.09
CA PHE A 17 -2.23 -12.53 -0.07
C PHE A 17 -3.68 -12.05 -0.01
N ARG A 18 -3.96 -11.14 0.92
CA ARG A 18 -5.32 -10.68 1.15
C ARG A 18 -5.77 -9.69 0.08
N LEU A 19 -4.86 -8.83 -0.37
CA LEU A 19 -5.21 -7.83 -1.36
C LEU A 19 -5.19 -8.38 -2.78
N GLN A 20 -4.74 -9.64 -2.91
CA GLN A 20 -4.50 -10.25 -4.21
C GLN A 20 -3.52 -9.38 -4.99
N GLU A 21 -2.54 -8.88 -4.25
CA GLU A 21 -1.62 -7.87 -4.76
C GLU A 21 -0.77 -8.40 -5.91
N PRO A 22 -0.87 -7.76 -7.07
CA PRO A 22 -0.09 -8.09 -8.28
C PRO A 22 1.39 -7.73 -8.15
N LYS A 23 1.70 -6.64 -7.45
CA LYS A 23 3.05 -6.12 -7.39
C LYS A 23 3.51 -6.10 -5.94
N LYS A 24 3.65 -7.28 -5.38
CA LYS A 24 3.73 -7.49 -3.94
C LYS A 24 4.92 -6.78 -3.28
N ASP A 25 5.88 -6.29 -4.06
CA ASP A 25 6.97 -5.49 -3.50
C ASP A 25 6.40 -4.14 -3.02
N LEU A 26 5.35 -3.70 -3.68
CA LEU A 26 4.69 -2.44 -3.36
C LEU A 26 3.95 -2.57 -2.04
N ILE A 27 3.11 -3.60 -1.94
CA ILE A 27 2.33 -3.83 -0.73
C ILE A 27 3.24 -4.10 0.46
N ALA A 28 4.38 -4.76 0.20
CA ALA A 28 5.39 -4.99 1.23
C ALA A 28 6.10 -3.68 1.57
N ARG A 29 6.22 -2.82 0.57
CA ARG A 29 6.88 -1.55 0.75
C ARG A 29 6.09 -0.63 1.69
N VAL A 30 4.76 -0.60 1.54
CA VAL A 30 3.93 0.20 2.45
C VAL A 30 4.26 -0.18 3.87
N VAL A 31 4.35 -1.48 4.07
CA VAL A 31 4.75 -2.08 5.33
C VAL A 31 6.06 -1.48 5.82
N ARG A 32 7.07 -1.51 4.98
CA ARG A 32 8.40 -1.09 5.34
C ARG A 32 8.47 0.41 5.64
N ILE A 33 7.69 1.20 4.90
CA ILE A 33 7.72 2.64 5.06
C ILE A 33 7.00 3.11 6.32
N ILE A 34 5.77 2.67 6.54
CA ILE A 34 4.97 3.14 7.66
C ILE A 34 5.16 2.26 8.90
N GLY A 35 5.53 1.01 8.69
CA GLY A 35 5.67 0.09 9.79
C GLY A 35 4.70 -1.07 9.64
N ASN A 36 5.17 -2.26 9.96
CA ASN A 36 4.37 -3.48 9.86
C ASN A 36 3.07 -3.37 10.65
N LYS A 37 3.15 -2.74 11.81
CA LYS A 37 1.99 -2.61 12.68
C LYS A 37 0.99 -1.62 12.09
N LYS A 38 1.50 -0.61 11.39
CA LYS A 38 0.66 0.36 10.71
C LYS A 38 -0.03 -0.28 9.51
N ALA A 39 0.64 -1.25 8.90
CA ALA A 39 0.06 -2.01 7.79
C ALA A 39 -1.17 -2.77 8.27
N ILE A 40 -1.09 -3.31 9.49
CA ILE A 40 -2.22 -3.99 10.11
C ILE A 40 -3.37 -3.03 10.35
N GLU A 41 -3.03 -1.82 10.81
CA GLU A 41 -4.01 -0.75 11.00
C GLU A 41 -4.76 -0.49 9.70
N LEU A 42 -4.00 -0.38 8.61
CA LEU A 42 -4.58 -0.11 7.31
C LEU A 42 -5.55 -1.21 6.90
N LEU A 43 -5.21 -2.47 7.21
CA LEU A 43 -6.05 -3.60 6.82
C LEU A 43 -7.45 -3.49 7.41
N MET A 44 -7.54 -2.91 8.60
CA MET A 44 -8.84 -2.68 9.22
C MET A 44 -9.54 -1.52 8.54
N GLU A 45 -8.76 -0.52 8.15
CA GLU A 45 -9.26 0.66 7.47
C GLU A 45 -9.72 0.34 6.05
N THR A 46 -9.12 -0.69 5.43
CA THR A 46 -9.45 -1.05 4.06
C THR A 46 -10.91 -1.47 3.94
N ALA A 47 -11.39 -2.20 4.94
CA ALA A 47 -12.74 -2.74 4.93
C ALA A 47 -13.79 -1.63 4.79
N GLU A 48 -13.61 -0.56 5.55
CA GLU A 48 -14.56 0.54 5.50
C GLU A 48 -14.40 1.37 4.24
N VAL A 49 -13.19 1.46 3.71
CA VAL A 49 -12.99 2.12 2.42
C VAL A 49 -13.69 1.32 1.33
N GLU A 50 -13.69 0.00 1.48
CA GLU A 50 -14.41 -0.88 0.57
C GLU A 50 -15.92 -0.73 0.74
N GLN A 51 -16.39 -0.73 1.98
CA GLN A 51 -17.83 -0.66 2.25
C GLN A 51 -18.39 0.69 1.81
N ASN A 52 -17.53 1.70 1.80
CA ASN A 52 -17.94 3.05 1.44
C ASN A 52 -17.70 3.34 -0.04
N GLY A 53 -17.10 2.38 -0.73
CA GLY A 53 -16.88 2.49 -2.16
C GLY A 53 -15.88 3.57 -2.53
N GLY A 54 -14.71 3.56 -1.89
CA GLY A 54 -13.73 4.59 -2.15
C GLY A 54 -12.52 4.11 -2.91
N LEU A 55 -12.37 4.58 -4.16
CA LEU A 55 -11.12 4.41 -4.90
C LEU A 55 -11.16 5.08 -6.27
N PHE A 56 -10.18 5.92 -6.52
CA PHE A 56 -9.88 6.39 -7.87
C PHE A 56 -8.41 6.10 -8.19
N ILE A 57 -8.14 4.95 -8.81
CA ILE A 57 -6.76 4.53 -9.10
C ILE A 57 -6.12 5.36 -10.21
N MET A 58 -4.94 4.90 -10.67
CA MET A 58 -4.13 5.63 -11.66
C MET A 58 -5.00 6.22 -12.77
N ASN A 59 -5.89 5.39 -13.31
CA ASN A 59 -6.69 5.76 -14.47
C ASN A 59 -8.13 6.12 -14.10
N GLY A 60 -8.68 5.41 -13.11
CA GLY A 60 -10.01 5.73 -12.61
C GLY A 60 -11.11 4.85 -13.22
N SER A 61 -10.83 4.23 -14.35
CA SER A 61 -11.81 3.38 -15.02
C SER A 61 -12.01 2.06 -14.26
N ARG A 62 -10.91 1.45 -13.86
CA ARG A 62 -10.96 0.23 -13.07
C ARG A 62 -11.22 0.59 -11.60
N ARG A 63 -12.23 1.42 -11.42
CA ARG A 63 -12.56 1.99 -10.13
C ARG A 63 -12.76 0.91 -9.07
N ARG A 64 -11.97 1.01 -7.99
CA ARG A 64 -12.12 0.15 -6.81
C ARG A 64 -11.65 -1.28 -7.04
N THR A 65 -10.39 -1.41 -7.45
CA THR A 65 -9.73 -2.70 -7.50
C THR A 65 -9.31 -3.10 -6.07
N PRO A 66 -9.42 -4.39 -5.69
CA PRO A 66 -9.19 -4.88 -4.31
C PRO A 66 -7.89 -4.37 -3.70
N GLY A 67 -6.78 -4.68 -4.35
CA GLY A 67 -5.49 -4.19 -3.88
C GLY A 67 -5.44 -2.69 -3.93
N GLY A 68 -6.01 -2.14 -4.99
CA GLY A 68 -6.04 -0.71 -5.19
C GLY A 68 -6.74 0.03 -4.07
N VAL A 69 -7.74 -0.60 -3.46
CA VAL A 69 -8.47 0.02 -2.36
C VAL A 69 -7.53 0.28 -1.19
N PHE A 70 -6.60 -0.63 -0.98
CA PHE A 70 -5.57 -0.43 0.01
C PHE A 70 -4.69 0.74 -0.39
N LEU A 71 -4.44 0.89 -1.69
CA LEU A 71 -3.63 2.00 -2.18
C LEU A 71 -4.30 3.30 -1.77
N ASN A 72 -5.63 3.28 -1.77
CA ASN A 72 -6.42 4.43 -1.38
C ASN A 72 -6.13 4.82 0.08
N LEU A 73 -5.78 3.81 0.87
CA LEU A 73 -5.52 3.98 2.30
C LEU A 73 -4.42 4.99 2.55
N LEU A 74 -3.42 4.99 1.67
CA LEU A 74 -2.29 5.90 1.82
C LEU A 74 -2.76 7.35 1.78
N LYS A 75 -3.92 7.60 1.20
CA LYS A 75 -4.44 8.96 1.11
C LYS A 75 -5.37 9.28 2.28
N ASN A 76 -6.17 8.31 2.70
CA ASN A 76 -7.17 8.55 3.74
C ASN A 76 -6.64 8.22 5.13
N THR A 77 -5.47 7.61 5.19
CA THR A 77 -4.88 7.20 6.45
C THR A 77 -4.75 8.38 7.42
N PRO A 78 -5.28 8.21 8.64
CA PRO A 78 -5.34 9.26 9.65
C PRO A 78 -3.99 9.51 10.32
N SER A 79 -3.04 8.59 10.15
CA SER A 79 -1.81 8.63 10.92
C SER A 79 -0.56 8.93 10.08
N ILE A 80 -0.66 8.79 8.76
CA ILE A 80 0.53 8.84 7.91
C ILE A 80 0.65 10.16 7.16
N SER A 81 1.88 10.66 7.08
CA SER A 81 2.16 11.93 6.41
C SER A 81 2.32 11.76 4.90
N GLU A 82 2.09 12.86 4.18
CA GLU A 82 1.86 12.85 2.72
C GLU A 82 3.08 12.40 1.90
N GLU A 83 4.28 12.85 2.27
CA GLU A 83 5.46 12.57 1.44
C GLU A 83 5.74 11.07 1.37
N GLN A 84 5.71 10.41 2.52
CA GLN A 84 5.95 8.97 2.59
C GLN A 84 4.96 8.23 1.69
N ILE A 85 3.75 8.76 1.60
CA ILE A 85 2.73 8.19 0.74
C ILE A 85 3.18 8.17 -0.71
N LYS A 86 3.65 9.32 -1.18
CA LYS A 86 4.14 9.47 -2.55
C LYS A 86 5.28 8.51 -2.84
N ASP A 87 6.16 8.34 -1.85
CA ASP A 87 7.33 7.49 -2.03
C ASP A 87 6.96 6.03 -2.23
N ILE A 88 5.88 5.60 -1.59
CA ILE A 88 5.50 4.20 -1.61
C ILE A 88 5.00 3.75 -2.99
N PHE A 89 3.81 4.20 -3.36
CA PHE A 89 3.09 3.61 -4.50
C PHE A 89 3.13 4.48 -5.75
N TYR A 90 3.58 5.71 -5.61
CA TYR A 90 3.53 6.66 -6.72
C TYR A 90 4.80 6.58 -7.57
N ILE A 91 5.87 6.08 -6.97
CA ILE A 91 7.13 5.95 -7.66
C ILE A 91 7.22 4.60 -8.38
N GLU A 92 6.54 3.59 -7.81
CA GLU A 92 6.55 2.22 -8.31
C GLU A 92 7.97 1.64 -8.28
N ASN A 93 8.75 1.93 -9.31
CA ASN A 93 10.13 1.46 -9.39
C ASN A 93 10.91 2.29 -10.40
N GLN A 94 10.41 3.49 -10.71
CA GLN A 94 11.01 4.33 -11.73
C GLN A 94 12.16 5.16 -11.17
N LYS A 95 13.17 4.47 -10.65
CA LYS A 95 14.36 5.12 -10.11
C LYS A 95 15.58 4.25 -10.35
N GLU A 96 16.61 4.86 -10.95
CA GLU A 96 17.93 4.24 -11.10
C GLU A 96 17.95 3.12 -12.15
N TYR A 97 17.26 2.03 -11.86
CA TYR A 97 17.37 0.82 -12.67
C TYR A 97 16.24 0.73 -13.69
N GLU A 98 16.42 1.44 -14.81
CA GLU A 98 15.50 1.37 -15.93
C GLU A 98 16.11 0.50 -17.03
N ASN A 99 15.33 0.21 -18.07
CA ASN A 99 15.79 -0.71 -19.11
C ASN A 99 15.84 -0.01 -20.46
N LYS A 100 16.76 0.93 -20.62
CA LYS A 100 16.95 1.60 -21.89
C LYS A 100 18.26 1.16 -22.53
N LYS A 101 18.20 0.11 -23.33
CA LYS A 101 19.39 -0.42 -24.00
C LYS A 101 19.68 0.38 -25.27
N ALA A 102 18.67 1.09 -25.76
CA ALA A 102 18.82 1.89 -26.97
C ALA A 102 19.44 3.25 -26.66
N ALA A 103 19.85 3.44 -25.41
CA ALA A 103 20.48 4.67 -24.98
C ALA A 103 21.90 4.76 -25.50
N ARG A 104 22.05 5.29 -26.70
CA ARG A 104 23.36 5.49 -27.29
C ARG A 104 23.74 6.96 -27.22
N GLY A 1 10.04 -16.05 20.90
CA GLY A 1 10.45 -16.17 19.48
C GLY A 1 9.43 -15.56 18.56
N ALA A 2 9.29 -16.14 17.36
CA ALA A 2 8.35 -15.64 16.38
C ALA A 2 7.09 -16.48 16.36
N MET A 3 6.22 -16.26 17.34
CA MET A 3 4.99 -17.02 17.44
C MET A 3 3.79 -16.16 17.07
N ALA A 4 3.68 -15.01 17.71
CA ALA A 4 2.56 -14.11 17.48
C ALA A 4 3.03 -12.71 17.18
N GLU A 5 4.17 -12.60 16.52
CA GLU A 5 4.71 -11.30 16.14
C GLU A 5 4.32 -10.96 14.71
N ASP A 6 4.47 -9.71 14.34
CA ASP A 6 4.14 -9.26 13.00
C ASP A 6 5.42 -8.93 12.24
N SER A 7 6.19 -9.97 11.95
CA SER A 7 7.41 -9.84 11.16
C SER A 7 7.07 -9.18 9.83
N GLN A 8 7.85 -8.17 9.46
CA GLN A 8 7.59 -7.37 8.27
C GLN A 8 7.54 -8.20 6.99
N GLU A 9 8.35 -9.25 6.94
CA GLU A 9 8.30 -10.19 5.82
C GLU A 9 6.98 -10.95 5.81
N LYS A 10 6.53 -11.33 6.99
CA LYS A 10 5.26 -12.04 7.14
C LYS A 10 4.09 -11.10 6.86
N VAL A 11 4.20 -9.88 7.37
CA VAL A 11 3.18 -8.85 7.12
C VAL A 11 3.03 -8.58 5.64
N ALA A 12 4.16 -8.50 4.94
CA ALA A 12 4.16 -8.30 3.50
C ALA A 12 3.34 -9.40 2.82
N ASP A 13 3.49 -10.63 3.29
CA ASP A 13 2.71 -11.75 2.79
C ASP A 13 1.25 -11.60 3.17
N GLU A 14 1.00 -11.16 4.41
CA GLU A 14 -0.35 -10.96 4.90
C GLU A 14 -1.11 -9.99 4.01
N ILE A 15 -0.52 -8.84 3.74
CA ILE A 15 -1.19 -7.82 2.93
C ILE A 15 -1.42 -8.34 1.52
N SER A 16 -0.37 -8.84 0.89
CA SER A 16 -0.44 -9.23 -0.51
C SER A 16 -1.42 -10.38 -0.74
N PHE A 17 -1.40 -11.36 0.16
CA PHE A 17 -2.29 -12.50 0.08
C PHE A 17 -3.75 -12.04 0.20
N ARG A 18 -4.01 -11.17 1.15
CA ARG A 18 -5.37 -10.72 1.43
C ARG A 18 -5.86 -9.69 0.42
N LEU A 19 -4.93 -8.88 -0.11
CA LEU A 19 -5.28 -7.89 -1.13
C LEU A 19 -5.46 -8.52 -2.49
N GLN A 20 -4.96 -9.75 -2.64
CA GLN A 20 -4.79 -10.36 -3.96
C GLN A 20 -3.90 -9.45 -4.77
N GLU A 21 -2.88 -8.95 -4.08
CA GLU A 21 -1.99 -7.91 -4.56
C GLU A 21 -0.92 -8.49 -5.49
N PRO A 22 -0.95 -8.08 -6.77
CA PRO A 22 0.04 -8.47 -7.79
C PRO A 22 1.46 -8.03 -7.48
N LYS A 23 1.61 -6.77 -7.11
CA LYS A 23 2.91 -6.19 -6.87
C LYS A 23 3.25 -6.31 -5.38
N LYS A 24 3.55 -7.54 -5.00
CA LYS A 24 3.77 -7.89 -3.62
C LYS A 24 5.02 -7.19 -3.06
N ASP A 25 5.87 -6.71 -3.95
CA ASP A 25 7.05 -5.95 -3.55
C ASP A 25 6.66 -4.54 -3.13
N LEU A 26 5.70 -3.95 -3.84
CA LEU A 26 5.25 -2.59 -3.54
C LEU A 26 4.41 -2.60 -2.28
N ILE A 27 3.52 -3.58 -2.18
CA ILE A 27 2.66 -3.71 -1.01
C ILE A 27 3.51 -4.00 0.24
N ALA A 28 4.67 -4.61 0.02
CA ALA A 28 5.66 -4.80 1.09
C ALA A 28 6.34 -3.47 1.43
N ARG A 29 6.52 -2.62 0.44
CA ARG A 29 7.14 -1.33 0.67
C ARG A 29 6.36 -0.50 1.67
N VAL A 30 5.05 -0.44 1.52
CA VAL A 30 4.22 0.35 2.44
C VAL A 30 4.44 -0.14 3.86
N VAL A 31 4.61 -1.45 4.00
CA VAL A 31 4.97 -2.07 5.25
C VAL A 31 6.22 -1.46 5.84
N ARG A 32 7.25 -1.37 5.01
CA ARG A 32 8.54 -0.84 5.43
C ARG A 32 8.43 0.63 5.84
N ILE A 33 7.70 1.41 5.04
CA ILE A 33 7.64 2.85 5.23
C ILE A 33 6.78 3.27 6.42
N ILE A 34 5.53 2.78 6.52
CA ILE A 34 4.65 3.20 7.61
C ILE A 34 4.82 2.32 8.84
N GLY A 35 5.22 1.07 8.63
CA GLY A 35 5.42 0.17 9.74
C GLY A 35 4.61 -1.11 9.61
N ASN A 36 5.09 -2.17 10.23
CA ASN A 36 4.43 -3.48 10.18
C ASN A 36 3.04 -3.40 10.80
N LYS A 37 2.92 -2.67 11.89
CA LYS A 37 1.63 -2.56 12.58
C LYS A 37 0.67 -1.69 11.77
N LYS A 38 1.16 -0.60 11.21
CA LYS A 38 0.32 0.28 10.40
C LYS A 38 -0.19 -0.41 9.17
N ALA A 39 0.56 -1.38 8.67
CA ALA A 39 0.12 -2.19 7.55
C ALA A 39 -1.07 -3.06 7.98
N ILE A 40 -0.99 -3.59 9.19
CA ILE A 40 -2.08 -4.38 9.75
C ILE A 40 -3.28 -3.47 10.06
N GLU A 41 -2.98 -2.29 10.59
CA GLU A 41 -4.02 -1.30 10.87
C GLU A 41 -4.76 -0.94 9.59
N LEU A 42 -4.02 -0.75 8.50
CA LEU A 42 -4.61 -0.42 7.21
C LEU A 42 -5.59 -1.50 6.77
N LEU A 43 -5.29 -2.76 7.10
CA LEU A 43 -6.17 -3.85 6.73
C LEU A 43 -7.53 -3.69 7.41
N MET A 44 -7.55 -3.12 8.60
CA MET A 44 -8.81 -2.76 9.25
C MET A 44 -9.37 -1.48 8.62
N GLU A 45 -8.48 -0.54 8.33
CA GLU A 45 -8.85 0.72 7.71
C GLU A 45 -9.50 0.50 6.34
N THR A 46 -9.17 -0.61 5.66
CA THR A 46 -9.78 -0.94 4.37
C THR A 46 -11.30 -1.01 4.49
N ALA A 47 -11.77 -1.54 5.62
CA ALA A 47 -13.19 -1.79 5.82
C ALA A 47 -14.01 -0.51 5.75
N GLU A 48 -13.47 0.58 6.27
CA GLU A 48 -14.17 1.85 6.25
C GLU A 48 -14.31 2.35 4.81
N VAL A 49 -13.27 2.13 4.02
CA VAL A 49 -13.32 2.49 2.60
C VAL A 49 -14.16 1.48 1.82
N GLU A 50 -14.14 0.23 2.27
CA GLU A 50 -14.93 -0.84 1.66
C GLU A 50 -16.42 -0.52 1.72
N GLN A 51 -16.88 -0.13 2.90
CA GLN A 51 -18.30 0.11 3.10
C GLN A 51 -18.78 1.37 2.36
N ASN A 52 -17.86 2.27 2.03
CA ASN A 52 -18.22 3.50 1.33
C ASN A 52 -17.99 3.38 -0.18
N GLY A 53 -17.07 2.51 -0.56
CA GLY A 53 -16.80 2.25 -1.97
C GLY A 53 -16.00 3.34 -2.65
N GLY A 54 -14.94 3.79 -1.99
CA GLY A 54 -14.12 4.86 -2.55
C GLY A 54 -12.83 4.40 -3.19
N LEU A 55 -12.60 4.84 -4.43
CA LEU A 55 -11.28 4.74 -5.05
C LEU A 55 -11.25 5.38 -6.43
N PHE A 56 -10.28 6.26 -6.62
CA PHE A 56 -9.86 6.68 -7.94
C PHE A 56 -8.39 6.35 -8.08
N ILE A 57 -8.08 5.36 -8.90
CA ILE A 57 -6.71 4.87 -9.02
C ILE A 57 -5.88 5.74 -9.95
N MET A 58 -4.65 5.33 -10.21
CA MET A 58 -3.70 6.15 -10.96
C MET A 58 -4.25 6.56 -12.33
N ASN A 59 -5.04 5.71 -12.97
CA ASN A 59 -5.55 6.04 -14.29
C ASN A 59 -6.89 6.80 -14.22
N GLY A 60 -7.73 6.44 -13.26
CA GLY A 60 -9.06 7.02 -13.15
C GLY A 60 -10.05 6.33 -14.08
N SER A 61 -9.51 5.57 -15.04
CA SER A 61 -10.31 4.88 -16.03
C SER A 61 -11.06 3.71 -15.42
N ARG A 62 -10.30 2.78 -14.88
CA ARG A 62 -10.87 1.77 -14.03
C ARG A 62 -10.94 2.37 -12.65
N ARG A 63 -11.94 2.02 -11.88
CA ARG A 63 -12.06 2.62 -10.57
C ARG A 63 -12.32 1.56 -9.53
N ARG A 64 -11.56 1.61 -8.45
CA ARG A 64 -11.78 0.77 -7.28
C ARG A 64 -11.45 -0.70 -7.56
N THR A 65 -10.19 -1.05 -7.35
CA THR A 65 -9.73 -2.42 -7.39
C THR A 65 -9.37 -2.88 -5.97
N PRO A 66 -9.54 -4.17 -5.62
CA PRO A 66 -9.29 -4.70 -4.26
C PRO A 66 -7.98 -4.22 -3.66
N GLY A 67 -6.88 -4.52 -4.33
CA GLY A 67 -5.60 -4.02 -3.87
C GLY A 67 -5.56 -2.52 -3.89
N GLY A 68 -6.10 -1.98 -4.97
CA GLY A 68 -6.14 -0.54 -5.19
C GLY A 68 -6.84 0.21 -4.07
N VAL A 69 -7.78 -0.45 -3.40
CA VAL A 69 -8.50 0.19 -2.31
C VAL A 69 -7.57 0.41 -1.13
N PHE A 70 -6.66 -0.53 -0.92
CA PHE A 70 -5.61 -0.35 0.05
C PHE A 70 -4.68 0.78 -0.40
N LEU A 71 -4.44 0.87 -1.71
CA LEU A 71 -3.64 1.97 -2.25
C LEU A 71 -4.30 3.28 -1.87
N ASN A 72 -5.63 3.28 -1.87
CA ASN A 72 -6.44 4.42 -1.47
C ASN A 72 -6.15 4.79 -0.02
N LEU A 73 -5.81 3.80 0.77
CA LEU A 73 -5.53 4.00 2.18
C LEU A 73 -4.36 4.94 2.40
N LEU A 74 -3.34 4.82 1.57
CA LEU A 74 -2.15 5.66 1.72
C LEU A 74 -2.52 7.14 1.65
N LYS A 75 -3.51 7.46 0.83
CA LYS A 75 -3.90 8.85 0.64
C LYS A 75 -5.05 9.23 1.58
N ASN A 76 -5.57 8.24 2.30
CA ASN A 76 -6.75 8.45 3.14
C ASN A 76 -6.43 8.28 4.62
N THR A 77 -5.43 7.45 4.91
CA THR A 77 -5.06 7.15 6.28
C THR A 77 -4.71 8.44 7.03
N PRO A 78 -5.48 8.73 8.08
CA PRO A 78 -5.57 10.07 8.66
C PRO A 78 -4.33 10.48 9.47
N SER A 79 -3.49 9.51 9.81
CA SER A 79 -2.34 9.78 10.67
C SER A 79 -1.03 9.77 9.88
N ILE A 80 -1.12 9.65 8.56
CA ILE A 80 0.08 9.57 7.73
C ILE A 80 0.17 10.78 6.79
N SER A 81 1.38 11.30 6.63
CA SER A 81 1.62 12.49 5.81
C SER A 81 1.62 12.13 4.32
N GLU A 82 1.03 13.03 3.53
CA GLU A 82 0.85 12.82 2.10
C GLU A 82 2.19 12.75 1.35
N GLU A 83 3.16 13.52 1.82
CA GLU A 83 4.49 13.53 1.20
C GLU A 83 5.14 12.16 1.30
N GLN A 84 5.02 11.55 2.47
CA GLN A 84 5.59 10.24 2.72
C GLN A 84 4.95 9.19 1.81
N ILE A 85 3.70 9.45 1.46
CA ILE A 85 2.92 8.56 0.62
C ILE A 85 3.44 8.53 -0.82
N LYS A 86 3.94 9.68 -1.28
CA LYS A 86 4.47 9.81 -2.64
C LYS A 86 5.61 8.82 -2.85
N ASP A 87 6.39 8.60 -1.81
CA ASP A 87 7.57 7.75 -1.89
C ASP A 87 7.18 6.28 -2.06
N ILE A 88 6.04 5.91 -1.48
CA ILE A 88 5.64 4.51 -1.44
C ILE A 88 5.26 3.97 -2.82
N PHE A 89 4.17 4.45 -3.39
CA PHE A 89 3.61 3.83 -4.59
C PHE A 89 3.72 4.70 -5.85
N TYR A 90 4.13 5.95 -5.69
CA TYR A 90 4.15 6.88 -6.80
C TYR A 90 5.48 6.79 -7.55
N ILE A 91 6.52 6.36 -6.83
CA ILE A 91 7.84 6.19 -7.42
C ILE A 91 7.94 4.80 -8.07
N GLU A 92 6.84 4.07 -8.02
CA GLU A 92 6.75 2.71 -8.54
C GLU A 92 7.05 2.67 -10.05
N ASN A 93 6.78 3.79 -10.73
CA ASN A 93 6.94 3.85 -12.18
C ASN A 93 8.41 3.97 -12.58
N GLN A 94 9.07 5.05 -12.14
CA GLN A 94 10.47 5.31 -12.48
C GLN A 94 10.64 5.59 -13.98
N LYS A 95 10.74 6.87 -14.32
CA LYS A 95 10.93 7.26 -15.71
C LYS A 95 12.00 8.36 -15.81
N GLU A 96 12.76 8.33 -16.90
CA GLU A 96 13.83 9.31 -17.15
C GLU A 96 14.89 9.28 -16.05
N TYR A 97 14.97 8.16 -15.34
CA TYR A 97 15.94 8.00 -14.28
C TYR A 97 16.29 6.52 -14.14
N GLU A 98 15.31 5.74 -13.66
CA GLU A 98 15.41 4.28 -13.69
C GLU A 98 16.66 3.79 -12.95
N ASN A 99 16.84 4.29 -11.73
CA ASN A 99 18.06 4.00 -10.98
C ASN A 99 17.72 3.28 -9.67
N LYS A 100 16.49 3.43 -9.21
CA LYS A 100 16.09 2.88 -7.92
C LYS A 100 15.69 1.41 -8.04
N LYS A 101 16.69 0.56 -8.27
CA LYS A 101 16.46 -0.88 -8.36
C LYS A 101 16.58 -1.53 -6.98
N ALA A 102 15.47 -1.62 -6.26
CA ALA A 102 15.46 -2.26 -4.96
C ALA A 102 15.14 -3.75 -5.11
N ALA A 103 13.86 -4.09 -4.93
CA ALA A 103 13.41 -5.46 -5.13
C ALA A 103 12.92 -5.64 -6.56
N ARG A 104 12.77 -4.52 -7.24
CA ARG A 104 12.33 -4.49 -8.63
C ARG A 104 13.46 -3.98 -9.49
N GLY A 1 -3.49 -9.40 20.56
CA GLY A 1 -4.19 -10.70 20.65
C GLY A 1 -3.38 -11.73 21.40
N ALA A 2 -3.61 -13.01 21.09
CA ALA A 2 -2.84 -14.08 21.68
C ALA A 2 -1.41 -14.04 21.14
N MET A 3 -1.32 -13.92 19.82
CA MET A 3 -0.04 -13.66 19.16
C MET A 3 -0.22 -12.54 18.15
N ALA A 4 -0.70 -12.89 16.96
CA ALA A 4 -0.97 -11.95 15.88
C ALA A 4 0.13 -10.89 15.77
N GLU A 5 1.38 -11.35 15.69
CA GLU A 5 2.51 -10.45 15.62
C GLU A 5 2.65 -9.86 14.22
N ASP A 6 3.07 -8.61 14.17
CA ASP A 6 3.23 -7.90 12.92
C ASP A 6 4.66 -8.05 12.37
N SER A 7 5.08 -9.29 12.17
CA SER A 7 6.38 -9.57 11.57
C SER A 7 6.41 -9.04 10.15
N GLN A 8 7.32 -8.10 9.87
CA GLN A 8 7.28 -7.33 8.62
C GLN A 8 7.13 -8.22 7.39
N GLU A 9 7.93 -9.29 7.31
CA GLU A 9 7.88 -10.20 6.18
C GLU A 9 6.54 -10.92 6.11
N LYS A 10 6.14 -11.51 7.23
CA LYS A 10 4.85 -12.18 7.35
C LYS A 10 3.71 -11.26 6.97
N VAL A 11 3.74 -10.05 7.52
CA VAL A 11 2.72 -9.05 7.23
C VAL A 11 2.71 -8.72 5.75
N ALA A 12 3.87 -8.36 5.22
CA ALA A 12 4.00 -8.02 3.81
C ALA A 12 3.46 -9.13 2.91
N ASP A 13 3.72 -10.37 3.32
CA ASP A 13 3.27 -11.54 2.59
C ASP A 13 1.74 -11.64 2.66
N GLU A 14 1.20 -11.46 3.86
CA GLU A 14 -0.23 -11.62 4.08
C GLU A 14 -1.02 -10.41 3.55
N ILE A 15 -0.40 -9.23 3.49
CA ILE A 15 -1.08 -8.07 2.92
C ILE A 15 -1.53 -8.40 1.51
N SER A 16 -0.57 -8.85 0.71
CA SER A 16 -0.84 -9.17 -0.67
C SER A 16 -1.77 -10.37 -0.79
N PHE A 17 -1.64 -11.30 0.15
CA PHE A 17 -2.53 -12.45 0.23
C PHE A 17 -3.97 -12.00 0.37
N ARG A 18 -4.19 -11.00 1.21
CA ARG A 18 -5.53 -10.49 1.42
C ARG A 18 -5.97 -9.60 0.26
N LEU A 19 -5.01 -8.91 -0.34
CA LEU A 19 -5.31 -7.94 -1.39
C LEU A 19 -5.49 -8.62 -2.74
N GLN A 20 -4.94 -9.83 -2.85
CA GLN A 20 -4.71 -10.48 -4.14
C GLN A 20 -3.81 -9.59 -4.97
N GLU A 21 -2.91 -8.92 -4.24
CA GLU A 21 -2.02 -7.90 -4.77
C GLU A 21 -1.09 -8.44 -5.86
N PRO A 22 -1.03 -7.74 -7.00
CA PRO A 22 -0.08 -8.01 -8.09
C PRO A 22 1.37 -7.61 -7.76
N LYS A 23 1.52 -6.55 -6.99
CA LYS A 23 2.84 -6.00 -6.70
C LYS A 23 3.16 -6.19 -5.23
N LYS A 24 3.34 -7.46 -4.87
CA LYS A 24 3.49 -7.86 -3.48
C LYS A 24 4.80 -7.32 -2.90
N ASP A 25 5.72 -6.92 -3.77
CA ASP A 25 6.97 -6.30 -3.34
C ASP A 25 6.72 -4.85 -2.91
N LEU A 26 5.86 -4.16 -3.65
CA LEU A 26 5.50 -2.78 -3.32
C LEU A 26 4.58 -2.77 -2.10
N ILE A 27 3.69 -3.77 -2.00
CA ILE A 27 2.83 -3.90 -0.84
C ILE A 27 3.67 -4.22 0.40
N ALA A 28 4.83 -4.85 0.18
CA ALA A 28 5.81 -5.05 1.26
C ALA A 28 6.52 -3.75 1.57
N ARG A 29 6.73 -2.96 0.53
CA ARG A 29 7.40 -1.68 0.67
C ARG A 29 6.62 -0.73 1.58
N VAL A 30 5.30 -0.63 1.35
CA VAL A 30 4.47 0.24 2.18
C VAL A 30 4.56 -0.19 3.64
N VAL A 31 4.64 -1.50 3.84
CA VAL A 31 4.89 -2.09 5.16
C VAL A 31 6.12 -1.46 5.78
N ARG A 32 7.22 -1.51 5.04
CA ARG A 32 8.49 -1.05 5.53
C ARG A 32 8.45 0.45 5.87
N ILE A 33 7.82 1.22 4.98
CA ILE A 33 7.80 2.68 5.08
C ILE A 33 6.85 3.19 6.16
N ILE A 34 5.59 2.76 6.15
CA ILE A 34 4.61 3.29 7.11
C ILE A 34 4.73 2.58 8.45
N GLY A 35 5.29 1.38 8.43
CA GLY A 35 5.41 0.61 9.63
C GLY A 35 4.57 -0.65 9.58
N ASN A 36 5.06 -1.70 10.19
CA ASN A 36 4.39 -2.99 10.18
C ASN A 36 3.03 -2.93 10.88
N LYS A 37 2.96 -2.20 11.99
CA LYS A 37 1.69 -2.06 12.70
C LYS A 37 0.73 -1.15 11.93
N LYS A 38 1.26 -0.14 11.24
CA LYS A 38 0.44 0.73 10.39
C LYS A 38 -0.22 -0.08 9.28
N ALA A 39 0.54 -0.99 8.69
CA ALA A 39 0.01 -1.88 7.67
C ALA A 39 -1.12 -2.73 8.23
N ILE A 40 -0.92 -3.23 9.45
CA ILE A 40 -1.94 -4.01 10.15
C ILE A 40 -3.21 -3.20 10.36
N GLU A 41 -3.03 -1.94 10.77
CA GLU A 41 -4.15 -1.03 10.97
C GLU A 41 -4.91 -0.82 9.66
N LEU A 42 -4.17 -0.75 8.56
CA LEU A 42 -4.77 -0.54 7.25
C LEU A 42 -5.64 -1.73 6.84
N LEU A 43 -5.29 -2.93 7.28
CA LEU A 43 -6.12 -4.10 7.00
C LEU A 43 -7.50 -3.95 7.64
N MET A 44 -7.58 -3.21 8.74
CA MET A 44 -8.87 -2.85 9.31
C MET A 44 -9.51 -1.75 8.47
N GLU A 45 -8.67 -0.86 7.95
CA GLU A 45 -9.14 0.26 7.15
C GLU A 45 -9.67 -0.21 5.79
N THR A 46 -9.17 -1.35 5.28
CA THR A 46 -9.67 -1.90 4.02
C THR A 46 -11.17 -2.12 4.13
N ALA A 47 -11.60 -2.75 5.23
CA ALA A 47 -13.00 -3.00 5.48
C ALA A 47 -13.78 -1.69 5.66
N GLU A 48 -13.12 -0.71 6.26
CA GLU A 48 -13.70 0.62 6.42
C GLU A 48 -14.02 1.20 5.05
N VAL A 49 -13.06 1.15 4.15
CA VAL A 49 -13.26 1.62 2.80
C VAL A 49 -14.20 0.71 2.03
N GLU A 50 -14.14 -0.59 2.32
CA GLU A 50 -15.02 -1.57 1.70
C GLU A 50 -16.49 -1.26 1.98
N GLN A 51 -16.77 -0.74 3.16
CA GLN A 51 -18.15 -0.39 3.51
C GLN A 51 -18.53 0.97 2.96
N ASN A 52 -17.52 1.80 2.71
CA ASN A 52 -17.75 3.16 2.21
C ASN A 52 -17.78 3.19 0.69
N GLY A 53 -17.09 2.23 0.08
CA GLY A 53 -17.05 2.13 -1.37
C GLY A 53 -16.31 3.27 -2.05
N GLY A 54 -15.09 3.57 -1.59
CA GLY A 54 -14.37 4.70 -2.16
C GLY A 54 -12.93 4.39 -2.54
N LEU A 55 -12.59 4.57 -3.80
CA LEU A 55 -11.19 4.50 -4.25
C LEU A 55 -11.06 5.09 -5.64
N PHE A 56 -10.17 6.05 -5.78
CA PHE A 56 -9.80 6.59 -7.07
C PHE A 56 -8.31 6.34 -7.30
N ILE A 57 -8.00 5.50 -8.28
CA ILE A 57 -6.63 5.09 -8.55
C ILE A 57 -5.93 6.06 -9.50
N MET A 58 -4.84 5.59 -10.13
CA MET A 58 -4.01 6.42 -11.00
C MET A 58 -4.88 7.26 -11.93
N ASN A 59 -5.83 6.61 -12.58
CA ASN A 59 -6.76 7.28 -13.48
C ASN A 59 -8.15 7.37 -12.86
N GLY A 60 -8.49 6.41 -12.01
CA GLY A 60 -9.79 6.41 -11.35
C GLY A 60 -10.86 5.71 -12.17
N SER A 61 -10.60 5.54 -13.46
CA SER A 61 -11.53 4.85 -14.35
C SER A 61 -11.84 3.43 -13.87
N ARG A 62 -10.81 2.69 -13.49
CA ARG A 62 -10.97 1.33 -13.00
C ARG A 62 -11.30 1.36 -11.51
N ARG A 63 -12.18 2.29 -11.19
CA ARG A 63 -12.52 2.66 -9.83
C ARG A 63 -12.79 1.44 -8.94
N ARG A 64 -12.13 1.44 -7.78
CA ARG A 64 -12.22 0.35 -6.81
C ARG A 64 -11.66 -0.96 -7.33
N THR A 65 -10.34 -1.01 -7.46
CA THR A 65 -9.62 -2.26 -7.67
C THR A 65 -9.26 -2.84 -6.31
N PRO A 66 -9.36 -4.17 -6.12
CA PRO A 66 -9.21 -4.83 -4.81
C PRO A 66 -7.99 -4.35 -4.03
N GLY A 67 -6.81 -4.50 -4.61
CA GLY A 67 -5.61 -4.02 -3.97
C GLY A 67 -5.57 -2.52 -3.94
N GLY A 68 -6.01 -1.91 -5.04
CA GLY A 68 -6.02 -0.46 -5.16
C GLY A 68 -6.81 0.23 -4.06
N VAL A 69 -7.79 -0.48 -3.51
CA VAL A 69 -8.59 0.03 -2.40
C VAL A 69 -7.72 0.23 -1.18
N PHE A 70 -6.79 -0.68 -0.96
CA PHE A 70 -5.79 -0.52 0.08
C PHE A 70 -4.87 0.64 -0.27
N LEU A 71 -4.59 0.85 -1.56
CA LEU A 71 -3.76 1.98 -1.99
C LEU A 71 -4.40 3.27 -1.47
N ASN A 72 -5.73 3.27 -1.38
CA ASN A 72 -6.47 4.39 -0.79
C ASN A 72 -5.99 4.61 0.63
N LEU A 73 -5.75 3.53 1.34
CA LEU A 73 -5.30 3.58 2.72
C LEU A 73 -3.90 4.12 2.81
N LEU A 74 -3.09 3.74 1.84
CA LEU A 74 -1.71 4.17 1.76
C LEU A 74 -1.64 5.69 1.73
N LYS A 75 -2.58 6.32 1.02
CA LYS A 75 -2.63 7.77 0.92
C LYS A 75 -3.56 8.40 1.96
N ASN A 76 -4.62 7.69 2.33
CA ASN A 76 -5.63 8.24 3.23
C ASN A 76 -5.41 7.81 4.67
N THR A 77 -4.19 7.40 4.98
CA THR A 77 -3.83 7.12 6.35
C THR A 77 -3.80 8.42 7.14
N PRO A 78 -4.64 8.51 8.18
CA PRO A 78 -4.94 9.77 8.86
C PRO A 78 -3.79 10.31 9.70
N SER A 79 -2.74 9.53 9.89
CA SER A 79 -1.65 9.93 10.76
C SER A 79 -0.37 10.20 9.98
N ILE A 80 -0.41 10.08 8.66
CA ILE A 80 0.79 10.24 7.84
C ILE A 80 0.64 11.38 6.84
N SER A 81 1.71 12.15 6.65
CA SER A 81 1.70 13.28 5.74
C SER A 81 1.95 12.82 4.30
N GLU A 82 1.46 13.64 3.37
CA GLU A 82 1.34 13.30 1.95
C GLU A 82 2.70 12.99 1.30
N GLU A 83 3.75 13.67 1.73
CA GLU A 83 5.06 13.50 1.11
C GLU A 83 5.59 12.06 1.26
N GLN A 84 5.51 11.52 2.47
CA GLN A 84 5.97 10.16 2.72
C GLN A 84 5.18 9.18 1.87
N ILE A 85 3.91 9.52 1.65
CA ILE A 85 3.01 8.72 0.84
C ILE A 85 3.54 8.59 -0.60
N LYS A 86 3.97 9.72 -1.15
CA LYS A 86 4.43 9.80 -2.52
C LYS A 86 5.57 8.83 -2.79
N ASP A 87 6.48 8.74 -1.82
CA ASP A 87 7.68 7.94 -1.99
C ASP A 87 7.33 6.46 -2.13
N ILE A 88 6.25 6.04 -1.48
CA ILE A 88 5.88 4.63 -1.44
C ILE A 88 5.39 4.12 -2.81
N PHE A 89 4.20 4.54 -3.22
CA PHE A 89 3.54 3.93 -4.37
C PHE A 89 3.48 4.83 -5.60
N TYR A 90 3.70 6.12 -5.42
CA TYR A 90 3.58 7.08 -6.51
C TYR A 90 4.73 6.90 -7.51
N ILE A 91 5.85 6.41 -7.01
CA ILE A 91 7.04 6.22 -7.81
C ILE A 91 6.87 5.02 -8.77
N GLU A 92 5.80 4.25 -8.57
CA GLU A 92 5.54 3.09 -9.41
C GLU A 92 5.35 3.50 -10.87
N ASN A 93 4.58 4.56 -11.09
CA ASN A 93 4.30 5.01 -12.45
C ASN A 93 5.11 6.24 -12.81
N GLN A 94 5.28 7.14 -11.84
CA GLN A 94 6.02 8.40 -12.02
C GLN A 94 5.37 9.30 -13.07
N LYS A 95 5.59 9.00 -14.34
CA LYS A 95 5.06 9.81 -15.43
C LYS A 95 4.81 8.91 -16.65
N GLU A 96 3.54 8.59 -16.88
CA GLU A 96 3.16 7.62 -17.90
C GLU A 96 2.86 8.29 -19.23
N TYR A 97 3.63 7.89 -20.22
CA TYR A 97 3.38 8.28 -21.61
C TYR A 97 2.31 7.40 -22.23
N GLU A 98 1.05 7.74 -21.98
CA GLU A 98 -0.06 7.00 -22.54
C GLU A 98 -0.88 7.93 -23.44
N ASN A 99 -1.38 7.40 -24.54
CA ASN A 99 -2.08 8.21 -25.53
C ASN A 99 -3.57 8.30 -25.24
N LYS A 100 -4.12 7.19 -24.72
CA LYS A 100 -5.54 7.13 -24.34
C LYS A 100 -6.47 7.34 -25.52
N LYS A 101 -6.03 7.05 -26.73
CA LYS A 101 -6.85 7.22 -27.91
C LYS A 101 -7.81 6.05 -28.08
N ALA A 102 -8.58 5.76 -27.03
CA ALA A 102 -9.49 4.64 -27.04
C ALA A 102 -10.94 5.12 -27.07
N ALA A 103 -11.65 4.74 -28.12
CA ALA A 103 -13.07 5.04 -28.26
C ALA A 103 -13.35 6.55 -28.27
N ARG A 104 -13.13 7.18 -29.41
CA ARG A 104 -13.46 8.58 -29.57
C ARG A 104 -14.58 8.73 -30.59
N GLY A 1 9.16 -10.01 25.28
CA GLY A 1 7.84 -10.06 25.93
C GLY A 1 6.90 -9.00 25.39
N ALA A 2 6.95 -8.77 24.09
CA ALA A 2 6.13 -7.76 23.45
C ALA A 2 5.00 -8.42 22.66
N MET A 3 4.02 -7.64 22.28
CA MET A 3 2.89 -8.14 21.51
C MET A 3 3.13 -7.87 20.03
N ALA A 4 4.10 -8.56 19.46
CA ALA A 4 4.48 -8.35 18.09
C ALA A 4 4.25 -9.61 17.25
N GLU A 5 3.00 -10.06 17.21
CA GLU A 5 2.63 -11.19 16.36
C GLU A 5 2.68 -10.75 14.91
N ASP A 6 2.44 -9.47 14.70
CA ASP A 6 2.52 -8.86 13.38
C ASP A 6 3.97 -8.64 12.98
N SER A 7 4.65 -9.73 12.66
CA SER A 7 6.04 -9.68 12.25
C SER A 7 6.15 -9.09 10.84
N GLN A 8 7.03 -8.11 10.69
CA GLN A 8 7.12 -7.28 9.49
C GLN A 8 7.10 -8.08 8.19
N GLU A 9 7.92 -9.12 8.14
CA GLU A 9 8.04 -9.93 6.93
C GLU A 9 6.76 -10.71 6.65
N LYS A 10 6.13 -11.22 7.71
CA LYS A 10 4.89 -11.95 7.57
C LYS A 10 3.76 -11.01 7.18
N VAL A 11 3.78 -9.80 7.72
CA VAL A 11 2.78 -8.78 7.41
C VAL A 11 2.76 -8.51 5.90
N ALA A 12 3.94 -8.43 5.29
CA ALA A 12 4.04 -8.17 3.86
C ALA A 12 3.27 -9.21 3.06
N ASP A 13 3.42 -10.47 3.44
CA ASP A 13 2.72 -11.57 2.77
C ASP A 13 1.23 -11.50 3.08
N GLU A 14 0.92 -11.06 4.29
CA GLU A 14 -0.46 -10.93 4.74
C GLU A 14 -1.21 -9.90 3.88
N ILE A 15 -0.57 -8.77 3.61
CA ILE A 15 -1.21 -7.74 2.79
C ILE A 15 -1.43 -8.26 1.38
N SER A 16 -0.38 -8.80 0.79
CA SER A 16 -0.42 -9.24 -0.61
C SER A 16 -1.43 -10.36 -0.80
N PHE A 17 -1.48 -11.28 0.15
CA PHE A 17 -2.41 -12.40 0.07
C PHE A 17 -3.86 -11.93 0.07
N ARG A 18 -4.17 -10.98 0.96
CA ARG A 18 -5.54 -10.51 1.10
C ARG A 18 -5.94 -9.61 -0.06
N LEU A 19 -5.00 -8.84 -0.57
CA LEU A 19 -5.27 -7.89 -1.63
C LEU A 19 -5.27 -8.56 -2.99
N GLN A 20 -4.75 -9.78 -3.04
CA GLN A 20 -4.47 -10.47 -4.30
C GLN A 20 -3.46 -9.65 -5.08
N GLU A 21 -2.59 -8.98 -4.32
CA GLU A 21 -1.64 -8.01 -4.84
C GLU A 21 -0.69 -8.62 -5.88
N PRO A 22 -0.78 -8.12 -7.11
CA PRO A 22 0.14 -8.48 -8.21
C PRO A 22 1.57 -7.97 -7.98
N LYS A 23 1.69 -6.71 -7.59
CA LYS A 23 2.98 -6.08 -7.43
C LYS A 23 3.38 -6.04 -5.96
N LYS A 24 3.63 -7.24 -5.43
CA LYS A 24 3.87 -7.41 -4.00
C LYS A 24 5.10 -6.64 -3.52
N ASP A 25 5.95 -6.24 -4.46
CA ASP A 25 7.09 -5.38 -4.15
C ASP A 25 6.61 -4.08 -3.51
N LEU A 26 5.52 -3.56 -4.04
CA LEU A 26 4.92 -2.32 -3.55
C LEU A 26 4.23 -2.56 -2.21
N ILE A 27 3.47 -3.65 -2.13
CA ILE A 27 2.67 -3.93 -0.96
C ILE A 27 3.58 -4.27 0.24
N ALA A 28 4.75 -4.83 -0.03
CA ALA A 28 5.74 -5.04 1.02
C ALA A 28 6.41 -3.73 1.40
N ARG A 29 6.59 -2.87 0.40
CA ARG A 29 7.25 -1.58 0.63
C ARG A 29 6.44 -0.71 1.58
N VAL A 30 5.13 -0.62 1.37
CA VAL A 30 4.28 0.19 2.23
C VAL A 30 4.45 -0.24 3.69
N VAL A 31 4.58 -1.55 3.87
CA VAL A 31 4.89 -2.13 5.16
C VAL A 31 6.16 -1.52 5.74
N ARG A 32 7.20 -1.51 4.91
CA ARG A 32 8.50 -1.01 5.31
C ARG A 32 8.43 0.47 5.69
N ILE A 33 7.65 1.23 4.93
CA ILE A 33 7.56 2.68 5.12
C ILE A 33 6.72 3.04 6.35
N ILE A 34 5.54 2.45 6.49
CA ILE A 34 4.63 2.85 7.57
C ILE A 34 4.83 2.01 8.83
N GLY A 35 5.26 0.78 8.68
CA GLY A 35 5.48 -0.09 9.82
C GLY A 35 4.61 -1.33 9.78
N ASN A 36 4.99 -2.33 10.57
CA ASN A 36 4.28 -3.61 10.61
C ASN A 36 2.86 -3.43 11.18
N LYS A 37 2.76 -2.82 12.33
CA LYS A 37 1.47 -2.66 13.00
C LYS A 37 0.62 -1.64 12.26
N LYS A 38 1.28 -0.65 11.68
CA LYS A 38 0.60 0.41 10.93
C LYS A 38 -0.01 -0.14 9.65
N ALA A 39 0.60 -1.18 9.10
CA ALA A 39 0.05 -1.85 7.92
C ALA A 39 -1.25 -2.56 8.27
N ILE A 40 -1.27 -3.18 9.45
CA ILE A 40 -2.47 -3.83 9.95
C ILE A 40 -3.54 -2.81 10.30
N GLU A 41 -3.11 -1.64 10.76
CA GLU A 41 -4.04 -0.54 11.00
C GLU A 41 -4.78 -0.18 9.71
N LEU A 42 -4.07 -0.23 8.59
CA LEU A 42 -4.69 -0.02 7.29
C LEU A 42 -5.56 -1.22 6.92
N LEU A 43 -5.12 -2.42 7.32
CA LEU A 43 -5.90 -3.63 7.09
C LEU A 43 -7.22 -3.61 7.86
N MET A 44 -7.22 -2.93 8.99
CA MET A 44 -8.47 -2.70 9.73
C MET A 44 -9.28 -1.61 9.02
N GLU A 45 -8.56 -0.64 8.47
CA GLU A 45 -9.18 0.51 7.80
C GLU A 45 -9.85 0.09 6.48
N THR A 46 -9.26 -0.88 5.79
CA THR A 46 -9.74 -1.32 4.49
C THR A 46 -11.23 -1.65 4.51
N ALA A 47 -11.70 -2.22 5.60
CA ALA A 47 -13.11 -2.67 5.68
C ALA A 47 -14.07 -1.49 5.57
N GLU A 48 -13.79 -0.43 6.32
CA GLU A 48 -14.64 0.77 6.30
C GLU A 48 -14.56 1.44 4.93
N VAL A 49 -13.42 1.30 4.29
CA VAL A 49 -13.21 1.84 2.96
C VAL A 49 -13.90 0.96 1.91
N GLU A 50 -13.72 -0.35 2.06
CA GLU A 50 -14.29 -1.35 1.16
C GLU A 50 -15.79 -1.22 1.03
N GLN A 51 -16.46 -1.13 2.17
CA GLN A 51 -17.92 -1.16 2.21
C GLN A 51 -18.52 0.01 1.42
N ASN A 52 -17.80 1.13 1.36
CA ASN A 52 -18.30 2.32 0.67
C ASN A 52 -17.87 2.35 -0.79
N GLY A 53 -16.77 1.68 -1.09
CA GLY A 53 -16.28 1.61 -2.45
C GLY A 53 -14.93 2.29 -2.61
N GLY A 54 -14.58 3.08 -1.61
CA GLY A 54 -13.23 3.62 -1.43
C GLY A 54 -12.49 4.09 -2.68
N LEU A 55 -11.89 3.14 -3.38
CA LEU A 55 -10.77 3.36 -4.27
C LEU A 55 -11.11 4.03 -5.61
N PHE A 56 -10.32 5.06 -5.94
CA PHE A 56 -10.17 5.56 -7.30
C PHE A 56 -8.68 5.51 -7.65
N ILE A 57 -8.31 4.66 -8.61
CA ILE A 57 -6.90 4.35 -8.86
C ILE A 57 -6.20 5.30 -9.81
N MET A 58 -4.96 4.95 -10.17
CA MET A 58 -4.09 5.84 -10.94
C MET A 58 -4.73 6.29 -12.26
N ASN A 59 -5.30 5.36 -13.03
CA ASN A 59 -5.99 5.77 -14.25
C ASN A 59 -7.47 6.02 -14.01
N GLY A 60 -8.03 5.36 -13.01
CA GLY A 60 -9.42 5.60 -12.64
C GLY A 60 -10.42 4.85 -13.49
N SER A 61 -9.96 4.29 -14.62
CA SER A 61 -10.82 3.57 -15.56
C SER A 61 -11.74 2.60 -14.86
N ARG A 62 -11.16 1.66 -14.12
CA ARG A 62 -11.93 0.76 -13.29
C ARG A 62 -11.89 1.25 -11.85
N ARG A 63 -12.98 1.83 -11.40
CA ARG A 63 -13.03 2.37 -10.05
C ARG A 63 -13.09 1.23 -9.03
N ARG A 64 -12.17 1.29 -8.08
CA ARG A 64 -12.12 0.36 -6.96
C ARG A 64 -11.69 -1.04 -7.37
N THR A 65 -10.41 -1.31 -7.15
CA THR A 65 -9.84 -2.64 -7.24
C THR A 65 -9.49 -3.13 -5.82
N PRO A 66 -9.58 -4.44 -5.53
CA PRO A 66 -9.37 -4.98 -4.17
C PRO A 66 -8.06 -4.53 -3.54
N GLY A 67 -6.94 -4.83 -4.20
CA GLY A 67 -5.66 -4.36 -3.71
C GLY A 67 -5.56 -2.86 -3.80
N GLY A 68 -6.17 -2.33 -4.85
CA GLY A 68 -6.17 -0.90 -5.08
C GLY A 68 -6.76 -0.11 -3.91
N VAL A 69 -7.73 -0.71 -3.20
CA VAL A 69 -8.38 -0.03 -2.09
C VAL A 69 -7.38 0.22 -0.96
N PHE A 70 -6.44 -0.70 -0.83
CA PHE A 70 -5.35 -0.49 0.09
C PHE A 70 -4.46 0.65 -0.41
N LEU A 71 -4.28 0.74 -1.71
CA LEU A 71 -3.51 1.84 -2.27
C LEU A 71 -4.25 3.13 -1.93
N ASN A 72 -5.59 3.03 -1.93
CA ASN A 72 -6.45 4.14 -1.53
C ASN A 72 -6.14 4.56 -0.10
N LEU A 73 -5.73 3.57 0.70
CA LEU A 73 -5.41 3.80 2.11
C LEU A 73 -4.26 4.76 2.28
N LEU A 74 -3.31 4.75 1.34
CA LEU A 74 -2.22 5.70 1.40
C LEU A 74 -2.75 7.12 1.22
N LYS A 75 -3.93 7.26 0.64
CA LYS A 75 -4.59 8.56 0.55
C LYS A 75 -5.38 8.86 1.82
N ASN A 76 -5.61 7.81 2.62
CA ASN A 76 -6.42 7.94 3.84
C ASN A 76 -5.57 7.69 5.08
N THR A 77 -4.28 7.50 4.91
CA THR A 77 -3.42 7.17 6.03
C THR A 77 -3.21 8.39 6.92
N PRO A 78 -3.72 8.31 8.14
CA PRO A 78 -3.89 9.48 9.01
C PRO A 78 -2.57 10.01 9.57
N SER A 79 -1.55 9.17 9.62
CA SER A 79 -0.30 9.53 10.26
C SER A 79 0.87 9.66 9.27
N ILE A 80 0.58 9.80 7.99
CA ILE A 80 1.64 9.87 6.99
C ILE A 80 1.62 11.20 6.23
N SER A 81 2.79 11.77 6.05
CA SER A 81 2.96 12.99 5.25
C SER A 81 2.87 12.65 3.76
N GLU A 82 2.36 13.63 2.99
CA GLU A 82 2.00 13.44 1.59
C GLU A 82 3.15 12.95 0.73
N GLU A 83 4.37 13.39 1.05
CA GLU A 83 5.54 12.99 0.27
C GLU A 83 5.87 11.52 0.48
N GLN A 84 5.81 11.07 1.73
CA GLN A 84 6.06 9.66 2.03
C GLN A 84 5.04 8.79 1.31
N ILE A 85 3.83 9.30 1.19
CA ILE A 85 2.79 8.62 0.44
C ILE A 85 3.21 8.46 -1.02
N LYS A 86 3.63 9.56 -1.63
CA LYS A 86 4.20 9.55 -2.98
C LYS A 86 5.35 8.56 -3.07
N ASP A 87 6.18 8.57 -2.04
CA ASP A 87 7.39 7.75 -2.01
C ASP A 87 7.07 6.27 -2.07
N ILE A 88 5.98 5.87 -1.44
CA ILE A 88 5.60 4.46 -1.41
C ILE A 88 5.11 3.95 -2.77
N PHE A 89 3.92 4.38 -3.19
CA PHE A 89 3.27 3.72 -4.33
C PHE A 89 3.35 4.52 -5.62
N TYR A 90 3.63 5.81 -5.52
CA TYR A 90 3.64 6.67 -6.69
C TYR A 90 4.92 6.46 -7.51
N ILE A 91 6.04 6.29 -6.81
CA ILE A 91 7.32 6.09 -7.48
C ILE A 91 7.36 4.73 -8.19
N GLU A 92 6.44 3.84 -7.84
CA GLU A 92 6.36 2.54 -8.48
C GLU A 92 5.94 2.72 -9.95
N ASN A 93 5.11 3.73 -10.19
CA ASN A 93 4.71 4.08 -11.55
C ASN A 93 5.74 5.04 -12.16
N GLN A 94 6.27 5.91 -11.32
CA GLN A 94 7.26 6.90 -11.75
C GLN A 94 8.65 6.28 -11.87
N LYS A 95 8.87 5.56 -12.97
CA LYS A 95 10.18 5.01 -13.26
C LYS A 95 11.02 6.04 -13.99
N GLU A 96 10.46 6.64 -15.04
CA GLU A 96 11.08 7.76 -15.76
C GLU A 96 12.49 7.41 -16.26
N TYR A 97 12.58 6.93 -17.49
CA TYR A 97 13.88 6.62 -18.07
C TYR A 97 14.13 7.51 -19.30
N GLU A 98 15.34 8.02 -19.42
CA GLU A 98 15.72 8.85 -20.55
C GLU A 98 16.07 7.97 -21.75
N ASN A 99 15.67 8.40 -22.94
CA ASN A 99 15.91 7.62 -24.15
C ASN A 99 16.41 8.50 -25.29
N LYS A 100 17.07 9.60 -24.94
CA LYS A 100 17.53 10.56 -25.95
C LYS A 100 19.02 10.83 -25.80
N LYS A 101 19.76 9.83 -25.34
CA LYS A 101 21.21 9.91 -25.15
C LYS A 101 21.57 10.91 -24.05
N ALA A 102 21.55 10.45 -22.82
CA ALA A 102 21.98 11.26 -21.69
C ALA A 102 23.39 10.87 -21.28
N ALA A 103 24.37 11.46 -21.96
CA ALA A 103 25.77 11.15 -21.69
C ALA A 103 26.19 11.66 -20.32
N ARG A 104 26.49 10.72 -19.43
CA ARG A 104 26.92 11.05 -18.09
C ARG A 104 27.60 9.83 -17.47
N GLY A 1 13.62 -16.84 10.64
CA GLY A 1 12.74 -17.07 11.82
C GLY A 1 12.46 -15.79 12.58
N ALA A 2 11.35 -15.14 12.24
CA ALA A 2 10.99 -13.88 12.87
C ALA A 2 9.62 -13.98 13.53
N MET A 3 9.61 -13.96 14.86
CA MET A 3 8.36 -14.03 15.61
C MET A 3 8.19 -12.81 16.51
N ALA A 4 7.91 -11.67 15.88
CA ALA A 4 7.67 -10.44 16.61
C ALA A 4 6.19 -10.09 16.53
N GLU A 5 5.35 -11.11 16.70
CA GLU A 5 3.91 -11.00 16.53
C GLU A 5 3.56 -10.65 15.08
N ASP A 6 3.49 -9.37 14.78
CA ASP A 6 3.26 -8.94 13.41
C ASP A 6 4.60 -8.68 12.73
N SER A 7 5.37 -9.76 12.55
CA SER A 7 6.66 -9.70 11.90
C SER A 7 6.52 -9.15 10.47
N GLN A 8 7.33 -8.13 10.17
CA GLN A 8 7.24 -7.39 8.91
C GLN A 8 7.27 -8.32 7.70
N GLU A 9 8.03 -9.40 7.80
CA GLU A 9 8.10 -10.36 6.71
C GLU A 9 6.76 -11.08 6.53
N LYS A 10 6.20 -11.55 7.63
CA LYS A 10 4.92 -12.25 7.58
C LYS A 10 3.79 -11.28 7.25
N VAL A 11 3.89 -10.06 7.76
CA VAL A 11 2.91 -9.03 7.45
C VAL A 11 2.83 -8.81 5.95
N ALA A 12 3.97 -8.49 5.35
CA ALA A 12 4.04 -8.27 3.90
C ALA A 12 3.53 -9.48 3.14
N ASP A 13 3.85 -10.65 3.65
CA ASP A 13 3.40 -11.91 3.08
C ASP A 13 1.88 -12.01 3.07
N GLU A 14 1.25 -11.53 4.14
CA GLU A 14 -0.19 -11.58 4.25
C GLU A 14 -0.87 -10.47 3.43
N ILE A 15 -0.30 -9.26 3.44
CA ILE A 15 -0.93 -8.12 2.76
C ILE A 15 -1.17 -8.44 1.30
N SER A 16 -0.13 -8.91 0.64
CA SER A 16 -0.18 -9.22 -0.78
C SER A 16 -1.27 -10.23 -1.09
N PHE A 17 -1.41 -11.22 -0.22
CA PHE A 17 -2.44 -12.24 -0.36
C PHE A 17 -3.83 -11.63 -0.19
N ARG A 18 -3.97 -10.80 0.84
CA ARG A 18 -5.27 -10.22 1.19
C ARG A 18 -5.78 -9.29 0.09
N LEU A 19 -4.90 -8.45 -0.44
CA LEU A 19 -5.29 -7.51 -1.48
C LEU A 19 -5.30 -8.14 -2.85
N GLN A 20 -4.81 -9.38 -2.94
CA GLN A 20 -4.57 -10.02 -4.22
C GLN A 20 -3.63 -9.13 -5.02
N GLU A 21 -2.70 -8.54 -4.27
CA GLU A 21 -1.76 -7.55 -4.76
C GLU A 21 -0.87 -8.13 -5.86
N PRO A 22 -0.96 -7.56 -7.07
CA PRO A 22 -0.10 -7.92 -8.21
C PRO A 22 1.37 -7.58 -7.97
N LYS A 23 1.61 -6.39 -7.43
CA LYS A 23 2.96 -5.91 -7.24
C LYS A 23 3.33 -6.00 -5.76
N LYS A 24 3.55 -7.23 -5.35
CA LYS A 24 3.65 -7.60 -3.95
C LYS A 24 4.89 -6.99 -3.28
N ASP A 25 5.86 -6.57 -4.06
CA ASP A 25 7.05 -5.96 -3.50
C ASP A 25 6.72 -4.58 -2.94
N LEU A 26 5.78 -3.90 -3.58
CA LEU A 26 5.34 -2.60 -3.13
C LEU A 26 4.48 -2.73 -1.88
N ILE A 27 3.62 -3.74 -1.86
CA ILE A 27 2.76 -3.97 -0.71
C ILE A 27 3.61 -4.30 0.52
N ALA A 28 4.78 -4.91 0.27
CA ALA A 28 5.77 -5.14 1.31
C ALA A 28 6.48 -3.84 1.67
N ARG A 29 6.66 -3.00 0.67
CA ARG A 29 7.29 -1.71 0.86
C ARG A 29 6.46 -0.83 1.79
N VAL A 30 5.14 -0.85 1.62
CA VAL A 30 4.24 -0.11 2.49
C VAL A 30 4.54 -0.47 3.94
N VAL A 31 4.65 -1.76 4.16
CA VAL A 31 5.03 -2.33 5.44
C VAL A 31 6.32 -1.71 5.97
N ARG A 32 7.33 -1.69 5.12
CA ARG A 32 8.63 -1.14 5.48
C ARG A 32 8.53 0.34 5.86
N ILE A 33 7.89 1.12 5.01
CA ILE A 33 7.86 2.56 5.14
C ILE A 33 6.97 3.04 6.29
N ILE A 34 5.71 2.60 6.33
CA ILE A 34 4.81 3.09 7.36
C ILE A 34 4.96 2.32 8.67
N GLY A 35 5.37 1.07 8.56
CA GLY A 35 5.54 0.25 9.73
C GLY A 35 4.64 -0.96 9.68
N ASN A 36 5.08 -2.05 10.30
CA ASN A 36 4.35 -3.31 10.30
C ASN A 36 2.96 -3.17 10.92
N LYS A 37 2.86 -2.44 12.02
CA LYS A 37 1.59 -2.25 12.69
C LYS A 37 0.69 -1.35 11.88
N LYS A 38 1.29 -0.37 11.21
CA LYS A 38 0.54 0.58 10.41
C LYS A 38 -0.04 -0.09 9.18
N ALA A 39 0.59 -1.16 8.74
CA ALA A 39 0.04 -1.97 7.66
C ALA A 39 -1.23 -2.66 8.13
N ILE A 40 -1.23 -3.07 9.40
CA ILE A 40 -2.38 -3.73 10.00
C ILE A 40 -3.52 -2.75 10.25
N GLU A 41 -3.19 -1.54 10.72
CA GLU A 41 -4.23 -0.55 10.99
C GLU A 41 -4.88 -0.09 9.69
N LEU A 42 -4.12 -0.09 8.60
CA LEU A 42 -4.70 0.14 7.28
C LEU A 42 -5.55 -1.06 6.89
N LEU A 43 -5.05 -2.24 7.18
CA LEU A 43 -5.72 -3.51 6.87
C LEU A 43 -7.12 -3.57 7.51
N MET A 44 -7.26 -2.96 8.67
CA MET A 44 -8.56 -2.87 9.34
C MET A 44 -9.43 -1.83 8.65
N GLU A 45 -8.83 -0.70 8.29
CA GLU A 45 -9.55 0.40 7.67
C GLU A 45 -9.96 0.05 6.23
N THR A 46 -9.24 -0.88 5.60
CA THR A 46 -9.56 -1.32 4.25
C THR A 46 -11.01 -1.82 4.19
N ALA A 47 -11.43 -2.49 5.27
CA ALA A 47 -12.80 -3.00 5.37
C ALA A 47 -13.81 -1.86 5.43
N GLU A 48 -13.41 -0.77 6.08
CA GLU A 48 -14.25 0.40 6.19
C GLU A 48 -14.37 1.10 4.85
N VAL A 49 -13.25 1.22 4.15
CA VAL A 49 -13.24 1.79 2.82
C VAL A 49 -14.00 0.88 1.86
N GLU A 50 -13.92 -0.43 2.12
CA GLU A 50 -14.66 -1.42 1.36
C GLU A 50 -16.15 -1.18 1.51
N GLN A 51 -16.61 -1.05 2.76
CA GLN A 51 -18.04 -0.89 3.05
C GLN A 51 -18.56 0.44 2.49
N ASN A 52 -17.65 1.37 2.19
CA ASN A 52 -18.03 2.67 1.66
C ASN A 52 -17.87 2.73 0.15
N GLY A 53 -17.28 1.68 -0.42
CA GLY A 53 -17.08 1.62 -1.87
C GLY A 53 -16.12 2.68 -2.38
N GLY A 54 -15.11 3.01 -1.59
CA GLY A 54 -14.22 4.10 -1.94
C GLY A 54 -12.93 3.65 -2.62
N LEU A 55 -12.82 3.93 -3.92
CA LEU A 55 -11.55 3.76 -4.64
C LEU A 55 -11.69 4.23 -6.08
N PHE A 56 -10.81 5.14 -6.45
CA PHE A 56 -10.57 5.47 -7.84
C PHE A 56 -9.07 5.33 -8.10
N ILE A 57 -8.68 4.21 -8.71
CA ILE A 57 -7.26 3.94 -8.95
C ILE A 57 -6.69 4.83 -10.04
N MET A 58 -5.42 4.57 -10.36
CA MET A 58 -4.69 5.32 -11.38
C MET A 58 -5.53 5.63 -12.62
N ASN A 59 -6.26 4.63 -13.12
CA ASN A 59 -7.10 4.84 -14.31
C ASN A 59 -8.56 5.20 -13.95
N GLY A 60 -9.07 4.61 -12.87
CA GLY A 60 -10.44 4.86 -12.46
C GLY A 60 -11.45 3.96 -13.17
N SER A 61 -11.04 3.35 -14.28
CA SER A 61 -11.91 2.51 -15.07
C SER A 61 -12.36 1.26 -14.29
N ARG A 62 -11.40 0.48 -13.83
CA ARG A 62 -11.70 -0.66 -12.97
C ARG A 62 -11.89 -0.16 -11.54
N ARG A 63 -13.07 0.34 -11.26
CA ARG A 63 -13.33 0.98 -9.99
C ARG A 63 -13.40 -0.04 -8.86
N ARG A 64 -12.61 0.21 -7.82
CA ARG A 64 -12.65 -0.55 -6.58
C ARG A 64 -12.10 -1.97 -6.73
N THR A 65 -10.85 -2.06 -7.16
CA THR A 65 -10.11 -3.30 -7.14
C THR A 65 -9.61 -3.57 -5.72
N PRO A 66 -9.57 -4.84 -5.27
CA PRO A 66 -9.21 -5.22 -3.87
C PRO A 66 -7.96 -4.52 -3.36
N GLY A 67 -6.84 -4.72 -4.04
CA GLY A 67 -5.61 -4.09 -3.63
C GLY A 67 -5.67 -2.60 -3.84
N GLY A 68 -6.36 -2.21 -4.89
CA GLY A 68 -6.57 -0.82 -5.20
C GLY A 68 -7.21 -0.07 -4.05
N VAL A 69 -8.16 -0.73 -3.38
CA VAL A 69 -8.84 -0.15 -2.23
C VAL A 69 -7.84 0.18 -1.13
N PHE A 70 -6.89 -0.72 -0.93
CA PHE A 70 -5.81 -0.50 0.00
C PHE A 70 -4.92 0.64 -0.47
N LEU A 71 -4.70 0.75 -1.77
CA LEU A 71 -3.92 1.86 -2.30
C LEU A 71 -4.58 3.17 -1.87
N ASN A 72 -5.91 3.17 -1.85
CA ASN A 72 -6.70 4.32 -1.44
C ASN A 72 -6.42 4.66 0.03
N LEU A 73 -6.05 3.65 0.80
CA LEU A 73 -5.74 3.81 2.22
C LEU A 73 -4.63 4.82 2.45
N LEU A 74 -3.68 4.83 1.53
CA LEU A 74 -2.58 5.77 1.62
C LEU A 74 -3.09 7.21 1.47
N LYS A 75 -4.28 7.37 0.91
CA LYS A 75 -4.90 8.70 0.81
C LYS A 75 -5.60 9.05 2.11
N ASN A 76 -6.25 8.06 2.69
CA ASN A 76 -7.02 8.26 3.91
C ASN A 76 -6.14 8.05 5.15
N THR A 77 -4.84 7.96 4.93
CA THR A 77 -3.91 7.72 6.01
C THR A 77 -3.93 8.90 6.99
N PRO A 78 -4.04 8.58 8.28
CA PRO A 78 -4.30 9.56 9.33
C PRO A 78 -3.10 10.46 9.64
N SER A 79 -1.92 9.87 9.82
CA SER A 79 -0.75 10.63 10.28
C SER A 79 0.35 10.75 9.23
N ILE A 80 0.05 10.49 7.97
CA ILE A 80 1.09 10.47 6.94
C ILE A 80 0.81 11.53 5.86
N SER A 81 1.87 12.21 5.43
CA SER A 81 1.74 13.29 4.44
C SER A 81 2.05 12.79 3.03
N GLU A 82 1.70 13.64 2.05
CA GLU A 82 1.67 13.26 0.63
C GLU A 82 2.97 12.63 0.14
N GLU A 83 4.12 13.24 0.42
CA GLU A 83 5.38 12.76 -0.15
C GLU A 83 5.77 11.41 0.42
N GLN A 84 5.50 11.20 1.70
CA GLN A 84 5.75 9.91 2.33
C GLN A 84 4.90 8.85 1.66
N ILE A 85 3.68 9.26 1.30
CA ILE A 85 2.73 8.40 0.61
C ILE A 85 3.20 8.09 -0.81
N LYS A 86 3.58 9.14 -1.53
CA LYS A 86 4.02 9.01 -2.92
C LYS A 86 5.21 8.07 -3.05
N ASP A 87 6.15 8.16 -2.12
CA ASP A 87 7.35 7.34 -2.16
C ASP A 87 7.01 5.85 -2.11
N ILE A 88 5.94 5.54 -1.41
CA ILE A 88 5.52 4.15 -1.22
C ILE A 88 4.98 3.54 -2.51
N PHE A 89 3.80 3.97 -2.92
CA PHE A 89 3.02 3.24 -3.92
C PHE A 89 3.01 3.93 -5.28
N TYR A 90 3.44 5.18 -5.33
CA TYR A 90 3.31 5.96 -6.56
C TYR A 90 4.55 5.80 -7.43
N ILE A 91 5.72 5.73 -6.80
CA ILE A 91 6.96 5.54 -7.53
C ILE A 91 7.02 4.13 -8.13
N GLU A 92 7.05 3.15 -7.24
CA GLU A 92 7.10 1.73 -7.60
C GLU A 92 8.24 1.41 -8.58
N ASN A 93 7.94 1.49 -9.87
CA ASN A 93 8.88 1.10 -10.91
C ASN A 93 9.80 2.24 -11.28
N GLN A 94 9.37 3.47 -11.01
CA GLN A 94 10.11 4.66 -11.43
C GLN A 94 11.53 4.64 -10.90
N LYS A 95 12.48 4.83 -11.80
CA LYS A 95 13.89 4.85 -11.46
C LYS A 95 14.39 6.27 -11.35
N GLU A 96 14.72 6.69 -10.14
CA GLU A 96 15.23 8.04 -9.90
C GLU A 96 16.76 8.03 -9.95
N TYR A 97 17.35 7.05 -9.30
CA TYR A 97 18.79 6.97 -9.21
C TYR A 97 19.34 6.00 -10.25
N GLU A 98 19.37 6.46 -11.49
CA GLU A 98 19.93 5.69 -12.58
C GLU A 98 21.43 5.89 -12.60
N ASN A 99 21.82 7.15 -12.66
CA ASN A 99 23.21 7.56 -12.67
C ASN A 99 23.48 8.49 -11.49
N LYS A 100 24.73 8.92 -11.33
CA LYS A 100 25.13 9.79 -10.22
C LYS A 100 24.79 9.12 -8.89
N LYS A 101 25.11 7.84 -8.81
CA LYS A 101 24.77 7.01 -7.66
C LYS A 101 25.77 7.21 -6.52
N ALA A 102 26.69 8.17 -6.71
CA ALA A 102 27.68 8.57 -5.69
C ALA A 102 28.77 7.52 -5.52
N ALA A 103 28.44 6.25 -5.72
CA ALA A 103 29.40 5.16 -5.59
C ALA A 103 30.59 5.38 -6.53
N ARG A 104 30.30 5.48 -7.83
CA ARG A 104 31.33 5.77 -8.81
C ARG A 104 30.68 6.12 -10.15
N GLY A 1 -4.18 -7.90 27.25
CA GLY A 1 -2.73 -7.86 26.93
C GLY A 1 -2.38 -8.75 25.76
N ALA A 2 -2.78 -8.36 24.57
CA ALA A 2 -2.50 -9.12 23.37
C ALA A 2 -1.32 -8.50 22.62
N MET A 3 -0.24 -9.26 22.51
CA MET A 3 0.95 -8.79 21.81
C MET A 3 0.77 -8.93 20.32
N ALA A 4 0.63 -10.17 19.85
CA ALA A 4 0.45 -10.47 18.44
C ALA A 4 1.53 -9.80 17.60
N GLU A 5 2.71 -10.41 17.57
CA GLU A 5 3.84 -9.85 16.83
C GLU A 5 3.54 -9.79 15.34
N ASP A 6 3.73 -8.62 14.75
CA ASP A 6 3.53 -8.44 13.32
C ASP A 6 4.88 -8.44 12.62
N SER A 7 5.42 -9.63 12.34
CA SER A 7 6.70 -9.75 11.65
C SER A 7 6.58 -9.16 10.25
N GLN A 8 7.38 -8.12 9.96
CA GLN A 8 7.29 -7.37 8.72
C GLN A 8 7.41 -8.27 7.49
N GLU A 9 8.16 -9.36 7.61
CA GLU A 9 8.27 -10.32 6.51
C GLU A 9 6.92 -10.98 6.24
N LYS A 10 6.30 -11.48 7.30
CA LYS A 10 5.00 -12.14 7.19
C LYS A 10 3.93 -11.11 6.87
N VAL A 11 4.04 -9.92 7.46
CA VAL A 11 3.10 -8.84 7.19
C VAL A 11 3.06 -8.54 5.69
N ALA A 12 4.24 -8.40 5.10
CA ALA A 12 4.35 -8.14 3.66
C ALA A 12 3.59 -9.20 2.85
N ASP A 13 3.74 -10.46 3.27
CA ASP A 13 3.04 -11.57 2.63
C ASP A 13 1.55 -11.51 2.92
N GLU A 14 1.24 -11.16 4.17
CA GLU A 14 -0.13 -11.11 4.65
C GLU A 14 -0.96 -10.10 3.87
N ILE A 15 -0.40 -8.90 3.63
CA ILE A 15 -1.13 -7.86 2.91
C ILE A 15 -1.51 -8.35 1.53
N SER A 16 -0.52 -8.84 0.80
CA SER A 16 -0.71 -9.25 -0.57
C SER A 16 -1.66 -10.42 -0.68
N PHE A 17 -1.53 -11.35 0.26
CA PHE A 17 -2.39 -12.52 0.31
C PHE A 17 -3.85 -12.13 0.43
N ARG A 18 -4.13 -11.18 1.32
CA ARG A 18 -5.51 -10.76 1.55
C ARG A 18 -5.99 -9.80 0.46
N LEU A 19 -5.08 -8.97 -0.05
CA LEU A 19 -5.43 -7.97 -1.07
C LEU A 19 -5.54 -8.58 -2.46
N GLN A 20 -5.12 -9.84 -2.60
CA GLN A 20 -5.01 -10.48 -3.91
C GLN A 20 -4.05 -9.67 -4.76
N GLU A 21 -3.05 -9.13 -4.06
CA GLU A 21 -2.19 -8.07 -4.59
C GLU A 21 -1.24 -8.61 -5.67
N PRO A 22 -1.26 -7.96 -6.84
CA PRO A 22 -0.40 -8.29 -7.99
C PRO A 22 1.08 -7.93 -7.79
N LYS A 23 1.36 -6.74 -7.29
CA LYS A 23 2.71 -6.21 -7.28
C LYS A 23 3.25 -6.16 -5.85
N LYS A 24 3.43 -7.34 -5.29
CA LYS A 24 3.68 -7.53 -3.86
C LYS A 24 4.93 -6.81 -3.37
N ASP A 25 5.76 -6.34 -4.30
CA ASP A 25 6.93 -5.54 -3.94
C ASP A 25 6.49 -4.24 -3.28
N LEU A 26 5.50 -3.60 -3.90
CA LEU A 26 5.00 -2.32 -3.44
C LEU A 26 4.17 -2.48 -2.17
N ILE A 27 3.33 -3.52 -2.13
CA ILE A 27 2.45 -3.74 -0.99
C ILE A 27 3.26 -4.06 0.27
N ALA A 28 4.43 -4.68 0.07
CA ALA A 28 5.37 -4.92 1.16
C ALA A 28 6.06 -3.65 1.56
N ARG A 29 6.29 -2.80 0.58
CA ARG A 29 6.96 -1.54 0.79
C ARG A 29 6.17 -0.62 1.71
N VAL A 30 4.85 -0.61 1.57
CA VAL A 30 4.01 0.20 2.45
C VAL A 30 4.33 -0.14 3.90
N VAL A 31 4.48 -1.43 4.15
CA VAL A 31 4.94 -1.95 5.42
C VAL A 31 6.24 -1.30 5.85
N ARG A 32 7.19 -1.27 4.94
CA ARG A 32 8.52 -0.74 5.20
C ARG A 32 8.45 0.72 5.60
N ILE A 33 7.64 1.49 4.88
CA ILE A 33 7.59 2.93 5.05
C ILE A 33 6.82 3.34 6.32
N ILE A 34 5.63 2.80 6.53
CA ILE A 34 4.79 3.26 7.63
C ILE A 34 4.94 2.40 8.89
N GLY A 35 5.28 1.14 8.72
CA GLY A 35 5.43 0.25 9.87
C GLY A 35 4.64 -1.04 9.72
N ASN A 36 5.00 -2.03 10.52
CA ASN A 36 4.38 -3.36 10.47
C ASN A 36 2.91 -3.31 10.93
N LYS A 37 2.69 -2.81 12.13
CA LYS A 37 1.35 -2.72 12.68
C LYS A 37 0.56 -1.64 11.97
N LYS A 38 1.26 -0.59 11.57
CA LYS A 38 0.66 0.49 10.80
C LYS A 38 0.03 -0.03 9.51
N ALA A 39 0.69 -1.00 8.89
CA ALA A 39 0.17 -1.64 7.69
C ALA A 39 -1.03 -2.53 8.02
N ILE A 40 -0.96 -3.23 9.15
CA ILE A 40 -2.04 -4.12 9.56
C ILE A 40 -3.27 -3.33 10.01
N GLU A 41 -3.05 -2.16 10.60
CA GLU A 41 -4.15 -1.28 10.95
C GLU A 41 -4.89 -0.85 9.69
N LEU A 42 -4.15 -0.70 8.59
CA LEU A 42 -4.75 -0.40 7.31
C LEU A 42 -5.67 -1.54 6.87
N LEU A 43 -5.30 -2.79 7.18
CA LEU A 43 -6.13 -3.94 6.84
C LEU A 43 -7.51 -3.81 7.46
N MET A 44 -7.59 -3.20 8.63
CA MET A 44 -8.88 -2.96 9.27
C MET A 44 -9.66 -1.89 8.52
N GLU A 45 -8.95 -0.86 8.08
CA GLU A 45 -9.57 0.23 7.34
C GLU A 45 -10.01 -0.22 5.93
N THR A 46 -9.37 -1.26 5.39
CA THR A 46 -9.80 -1.80 4.10
C THR A 46 -11.28 -2.15 4.14
N ALA A 47 -11.70 -2.76 5.26
CA ALA A 47 -13.09 -3.17 5.45
C ALA A 47 -14.02 -1.97 5.33
N GLU A 48 -13.60 -0.84 5.87
CA GLU A 48 -14.38 0.39 5.83
C GLU A 48 -14.57 0.85 4.38
N VAL A 49 -13.50 0.85 3.62
CA VAL A 49 -13.57 1.29 2.23
C VAL A 49 -14.20 0.22 1.34
N GLU A 50 -13.99 -1.05 1.68
CA GLU A 50 -14.55 -2.15 0.89
C GLU A 50 -16.07 -2.19 0.97
N GLN A 51 -16.61 -1.92 2.16
CA GLN A 51 -18.06 -1.95 2.34
C GLN A 51 -18.73 -0.78 1.64
N ASN A 52 -17.94 0.25 1.35
CA ASN A 52 -18.48 1.47 0.74
C ASN A 52 -18.11 1.58 -0.74
N GLY A 53 -17.01 0.94 -1.13
CA GLY A 53 -16.62 0.87 -2.52
C GLY A 53 -16.03 2.17 -3.04
N GLY A 54 -15.06 2.74 -2.33
CA GLY A 54 -14.50 4.02 -2.75
C GLY A 54 -13.09 3.95 -3.28
N LEU A 55 -12.90 4.33 -4.56
CA LEU A 55 -11.55 4.55 -5.11
C LEU A 55 -11.61 5.03 -6.56
N PHE A 56 -10.86 6.08 -6.85
CA PHE A 56 -10.55 6.48 -8.20
C PHE A 56 -9.03 6.56 -8.36
N ILE A 57 -8.46 5.53 -8.96
CA ILE A 57 -7.00 5.32 -8.98
C ILE A 57 -6.25 6.35 -9.82
N MET A 58 -4.97 6.04 -10.08
CA MET A 58 -4.09 6.86 -10.91
C MET A 58 -4.81 7.39 -12.15
N ASN A 59 -5.51 6.51 -12.85
CA ASN A 59 -6.36 6.93 -13.97
C ASN A 59 -7.83 6.63 -13.67
N GLY A 60 -8.08 5.51 -13.03
CA GLY A 60 -9.44 5.06 -12.86
C GLY A 60 -9.80 4.00 -13.88
N SER A 61 -8.78 3.55 -14.62
CA SER A 61 -8.96 2.55 -15.69
C SER A 61 -9.64 1.30 -15.14
N ARG A 62 -9.06 0.76 -14.09
CA ARG A 62 -9.67 -0.33 -13.34
C ARG A 62 -10.05 0.19 -11.96
N ARG A 63 -10.81 1.29 -11.97
CA ARG A 63 -11.08 2.07 -10.76
C ARG A 63 -11.57 1.21 -9.60
N ARG A 64 -10.98 1.42 -8.43
CA ARG A 64 -11.41 0.76 -7.20
C ARG A 64 -11.12 -0.75 -7.25
N THR A 65 -9.91 -1.07 -7.71
CA THR A 65 -9.40 -2.44 -7.70
C THR A 65 -9.02 -2.85 -6.27
N PRO A 66 -9.22 -4.13 -5.89
CA PRO A 66 -9.03 -4.64 -4.51
C PRO A 66 -7.72 -4.20 -3.86
N GLY A 67 -6.60 -4.56 -4.49
CA GLY A 67 -5.31 -4.16 -3.95
C GLY A 67 -5.13 -2.66 -4.04
N GLY A 68 -5.67 -2.09 -5.11
CA GLY A 68 -5.65 -0.66 -5.31
C GLY A 68 -6.32 0.09 -4.18
N VAL A 69 -7.34 -0.52 -3.60
CA VAL A 69 -8.08 0.10 -2.50
C VAL A 69 -7.18 0.32 -1.30
N PHE A 70 -6.27 -0.61 -1.09
CA PHE A 70 -5.28 -0.47 -0.04
C PHE A 70 -4.37 0.72 -0.34
N LEU A 71 -4.06 0.95 -1.62
CA LEU A 71 -3.24 2.10 -1.97
C LEU A 71 -3.98 3.36 -1.51
N ASN A 72 -5.31 3.31 -1.60
CA ASN A 72 -6.19 4.41 -1.18
C ASN A 72 -6.03 4.66 0.31
N LEU A 73 -5.67 3.61 1.04
CA LEU A 73 -5.39 3.71 2.46
C LEU A 73 -4.24 4.65 2.73
N LEU A 74 -3.29 4.68 1.82
CA LEU A 74 -2.19 5.62 1.91
C LEU A 74 -2.73 7.06 1.80
N LYS A 75 -3.91 7.22 1.24
CA LYS A 75 -4.61 8.51 1.24
C LYS A 75 -5.37 8.70 2.53
N ASN A 76 -6.07 7.65 2.93
CA ASN A 76 -6.92 7.67 4.11
C ASN A 76 -6.12 7.46 5.37
N THR A 77 -4.80 7.46 5.26
CA THR A 77 -3.95 7.35 6.43
C THR A 77 -4.09 8.62 7.26
N PRO A 78 -4.49 8.45 8.52
CA PRO A 78 -4.99 9.56 9.34
C PRO A 78 -3.93 10.61 9.66
N SER A 79 -2.70 10.18 9.92
CA SER A 79 -1.66 11.12 10.34
C SER A 79 -0.53 11.27 9.30
N ILE A 80 -0.67 10.65 8.14
CA ILE A 80 0.43 10.66 7.17
C ILE A 80 0.06 11.46 5.92
N SER A 81 1.02 12.23 5.42
CA SER A 81 0.80 13.09 4.27
C SER A 81 1.28 12.44 2.97
N GLU A 82 0.68 12.88 1.85
CA GLU A 82 0.86 12.25 0.55
C GLU A 82 2.31 12.23 0.06
N GLU A 83 3.15 13.17 0.50
CA GLU A 83 4.55 13.17 0.06
C GLU A 83 5.23 11.85 0.42
N GLN A 84 4.99 11.37 1.64
CA GLN A 84 5.55 10.11 2.09
C GLN A 84 4.92 8.97 1.29
N ILE A 85 3.72 9.23 0.82
CA ILE A 85 2.92 8.26 0.12
C ILE A 85 3.39 8.05 -1.32
N LYS A 86 3.81 9.13 -1.99
CA LYS A 86 4.34 9.02 -3.35
C LYS A 86 5.51 8.08 -3.35
N ASP A 87 6.34 8.27 -2.33
CA ASP A 87 7.57 7.54 -2.21
C ASP A 87 7.28 6.04 -2.14
N ILE A 88 6.14 5.71 -1.55
CA ILE A 88 5.70 4.34 -1.44
C ILE A 88 5.24 3.77 -2.78
N PHE A 89 4.17 4.31 -3.35
CA PHE A 89 3.52 3.64 -4.49
C PHE A 89 3.71 4.33 -5.83
N TYR A 90 4.08 5.61 -5.84
CA TYR A 90 4.15 6.34 -7.10
C TYR A 90 5.42 5.96 -7.86
N ILE A 91 6.48 5.69 -7.13
CA ILE A 91 7.74 5.29 -7.72
C ILE A 91 7.62 3.89 -8.34
N GLU A 92 6.62 3.15 -7.86
CA GLU A 92 6.34 1.78 -8.31
C GLU A 92 7.57 0.89 -8.17
N ASN A 93 8.37 0.79 -9.22
CA ASN A 93 9.60 0.00 -9.16
C ASN A 93 10.69 0.69 -9.98
N GLN A 94 10.69 2.01 -9.93
CA GLN A 94 11.77 2.80 -10.52
C GLN A 94 12.86 3.06 -9.48
N LYS A 95 12.91 2.20 -8.48
CA LYS A 95 13.86 2.35 -7.38
C LYS A 95 15.22 1.80 -7.78
N GLU A 96 15.85 2.45 -8.74
CA GLU A 96 17.18 2.06 -9.18
C GLU A 96 18.24 2.80 -8.38
N TYR A 97 18.10 4.11 -8.30
CA TYR A 97 19.01 4.94 -7.52
C TYR A 97 18.53 5.05 -6.09
N GLU A 98 19.48 5.24 -5.18
CA GLU A 98 19.18 5.32 -3.76
C GLU A 98 18.75 6.75 -3.39
N ASN A 99 17.44 6.94 -3.28
CA ASN A 99 16.89 8.28 -3.04
C ASN A 99 16.79 8.57 -1.55
N LYS A 100 16.92 7.54 -0.73
CA LYS A 100 16.82 7.69 0.71
C LYS A 100 18.02 8.49 1.24
N LYS A 101 17.73 9.58 1.95
CA LYS A 101 18.76 10.50 2.37
C LYS A 101 19.53 9.98 3.58
N ALA A 102 20.69 9.40 3.33
CA ALA A 102 21.56 8.96 4.41
C ALA A 102 22.39 10.14 4.92
N ALA A 103 21.70 11.12 5.49
CA ALA A 103 22.35 12.31 6.01
C ALA A 103 21.72 12.70 7.34
N ARG A 104 21.24 11.71 8.06
CA ARG A 104 20.58 11.92 9.33
C ARG A 104 21.59 12.08 10.45
N GLY A 1 -7.01 -8.78 17.80
CA GLY A 1 -5.87 -8.91 16.85
C GLY A 1 -5.09 -10.17 17.08
N ALA A 2 -3.86 -10.21 16.59
CA ALA A 2 -3.04 -11.42 16.67
C ALA A 2 -1.97 -11.28 17.74
N MET A 3 -2.21 -10.38 18.70
CA MET A 3 -1.30 -10.18 19.83
C MET A 3 0.10 -9.77 19.36
N ALA A 4 0.14 -8.87 18.38
CA ALA A 4 1.38 -8.31 17.87
C ALA A 4 2.26 -9.37 17.20
N GLU A 5 1.62 -10.31 16.51
CA GLU A 5 2.37 -11.28 15.72
C GLU A 5 2.43 -10.84 14.26
N ASP A 6 2.07 -9.59 14.04
CA ASP A 6 2.20 -8.96 12.73
C ASP A 6 3.66 -8.53 12.53
N SER A 7 4.54 -9.52 12.44
CA SER A 7 5.95 -9.25 12.19
C SER A 7 6.12 -8.85 10.73
N GLN A 8 6.99 -7.86 10.47
CA GLN A 8 7.08 -7.21 9.16
C GLN A 8 7.17 -8.21 8.00
N GLU A 9 8.02 -9.23 8.15
CA GLU A 9 8.19 -10.22 7.11
C GLU A 9 6.89 -11.00 6.87
N LYS A 10 6.23 -11.37 7.97
CA LYS A 10 4.96 -12.08 7.88
C LYS A 10 3.87 -11.15 7.36
N VAL A 11 3.94 -9.89 7.78
CA VAL A 11 2.99 -8.87 7.34
C VAL A 11 2.99 -8.74 5.83
N ALA A 12 4.17 -8.59 5.24
CA ALA A 12 4.32 -8.44 3.80
C ALA A 12 3.65 -9.60 3.06
N ASP A 13 3.70 -10.78 3.67
CA ASP A 13 3.07 -11.95 3.10
C ASP A 13 1.55 -11.84 3.16
N GLU A 14 1.04 -11.35 4.28
CA GLU A 14 -0.41 -11.29 4.49
C GLU A 14 -1.05 -10.21 3.63
N ILE A 15 -0.43 -9.02 3.55
CA ILE A 15 -1.04 -7.92 2.79
C ILE A 15 -1.27 -8.34 1.34
N SER A 16 -0.23 -8.91 0.75
CA SER A 16 -0.27 -9.31 -0.64
C SER A 16 -1.30 -10.40 -0.86
N PHE A 17 -1.46 -11.27 0.12
CA PHE A 17 -2.47 -12.32 0.08
C PHE A 17 -3.87 -11.70 0.19
N ARG A 18 -4.02 -10.75 1.11
CA ARG A 18 -5.31 -10.14 1.37
C ARG A 18 -5.76 -9.26 0.21
N LEU A 19 -4.85 -8.43 -0.28
CA LEU A 19 -5.19 -7.48 -1.33
C LEU A 19 -5.10 -8.11 -2.73
N GLN A 20 -4.76 -9.41 -2.76
CA GLN A 20 -4.55 -10.12 -4.03
C GLN A 20 -3.50 -9.39 -4.85
N GLU A 21 -2.55 -8.80 -4.14
CA GLU A 21 -1.61 -7.86 -4.71
C GLU A 21 -0.77 -8.47 -5.83
N PRO A 22 -0.92 -7.93 -7.05
CA PRO A 22 -0.08 -8.27 -8.21
C PRO A 22 1.39 -7.89 -8.03
N LYS A 23 1.63 -6.72 -7.44
CA LYS A 23 2.98 -6.17 -7.35
C LYS A 23 3.46 -6.25 -5.91
N LYS A 24 3.68 -7.47 -5.47
CA LYS A 24 3.86 -7.77 -4.05
C LYS A 24 5.09 -7.09 -3.44
N ASP A 25 5.97 -6.55 -4.27
CA ASP A 25 7.12 -5.80 -3.75
C ASP A 25 6.67 -4.43 -3.27
N LEU A 26 5.68 -3.87 -3.95
CA LEU A 26 5.15 -2.55 -3.62
C LEU A 26 4.33 -2.60 -2.33
N ILE A 27 3.44 -3.59 -2.25
CA ILE A 27 2.59 -3.76 -1.08
C ILE A 27 3.43 -4.07 0.17
N ALA A 28 4.59 -4.70 -0.02
CA ALA A 28 5.52 -4.94 1.07
C ALA A 28 6.23 -3.65 1.45
N ARG A 29 6.47 -2.80 0.46
CA ARG A 29 7.12 -1.52 0.69
C ARG A 29 6.32 -0.69 1.70
N VAL A 30 5.00 -0.72 1.58
CA VAL A 30 4.12 0.00 2.52
C VAL A 30 4.48 -0.38 3.95
N VAL A 31 4.65 -1.67 4.13
CA VAL A 31 5.09 -2.25 5.40
C VAL A 31 6.36 -1.59 5.90
N ARG A 32 7.34 -1.51 5.03
CA ARG A 32 8.65 -0.98 5.38
C ARG A 32 8.57 0.50 5.73
N ILE A 33 7.80 1.24 4.94
CA ILE A 33 7.75 2.70 5.07
C ILE A 33 6.96 3.16 6.29
N ILE A 34 5.74 2.64 6.47
CA ILE A 34 4.89 3.13 7.56
C ILE A 34 5.00 2.24 8.80
N GLY A 35 5.28 0.97 8.61
CA GLY A 35 5.40 0.07 9.73
C GLY A 35 4.46 -1.12 9.65
N ASN A 36 4.78 -2.17 10.39
CA ASN A 36 4.00 -3.39 10.37
C ASN A 36 2.60 -3.19 10.96
N LYS A 37 2.53 -2.56 12.13
CA LYS A 37 1.25 -2.34 12.78
C LYS A 37 0.47 -1.27 12.04
N LYS A 38 1.19 -0.31 11.47
CA LYS A 38 0.58 0.74 10.67
C LYS A 38 -0.06 0.13 9.43
N ALA A 39 0.55 -0.95 8.93
CA ALA A 39 -0.04 -1.72 7.85
C ALA A 39 -1.29 -2.44 8.33
N ILE A 40 -1.21 -3.03 9.53
CA ILE A 40 -2.36 -3.71 10.14
C ILE A 40 -3.52 -2.74 10.32
N GLU A 41 -3.21 -1.51 10.68
CA GLU A 41 -4.21 -0.46 10.74
C GLU A 41 -4.94 -0.37 9.41
N LEU A 42 -4.16 -0.37 8.34
CA LEU A 42 -4.70 -0.31 7.00
C LEU A 42 -5.50 -1.58 6.67
N LEU A 43 -5.00 -2.75 7.04
CA LEU A 43 -5.70 -4.00 6.71
C LEU A 43 -7.11 -3.98 7.25
N MET A 44 -7.28 -3.43 8.44
CA MET A 44 -8.58 -3.36 9.06
C MET A 44 -9.41 -2.27 8.39
N GLU A 45 -8.76 -1.17 8.07
CA GLU A 45 -9.42 -0.03 7.44
C GLU A 45 -9.82 -0.34 5.98
N THR A 46 -9.14 -1.30 5.33
CA THR A 46 -9.48 -1.67 3.96
C THR A 46 -10.97 -1.94 3.83
N ALA A 47 -11.49 -2.76 4.75
CA ALA A 47 -12.89 -3.15 4.74
C ALA A 47 -13.81 -1.95 4.92
N GLU A 48 -13.38 -1.01 5.75
CA GLU A 48 -14.17 0.18 6.02
C GLU A 48 -14.28 1.05 4.77
N VAL A 49 -13.19 1.15 4.04
CA VAL A 49 -13.17 1.91 2.80
C VAL A 49 -13.84 1.11 1.68
N GLU A 50 -13.69 -0.22 1.73
CA GLU A 50 -14.33 -1.10 0.76
C GLU A 50 -15.84 -0.94 0.78
N GLN A 51 -16.44 -1.02 1.98
CA GLN A 51 -17.89 -0.96 2.12
C GLN A 51 -18.43 0.39 1.66
N ASN A 52 -17.56 1.41 1.68
CA ASN A 52 -17.96 2.76 1.28
C ASN A 52 -17.75 2.95 -0.22
N GLY A 53 -17.03 2.01 -0.82
CA GLY A 53 -16.75 2.08 -2.25
C GLY A 53 -15.73 3.15 -2.59
N GLY A 54 -14.84 3.43 -1.66
CA GLY A 54 -13.90 4.51 -1.83
C GLY A 54 -12.61 4.11 -2.52
N LEU A 55 -12.50 4.42 -3.81
CA LEU A 55 -11.25 4.27 -4.53
C LEU A 55 -11.37 4.76 -5.98
N PHE A 56 -10.50 5.69 -6.34
CA PHE A 56 -10.25 6.03 -7.73
C PHE A 56 -8.76 5.89 -7.99
N ILE A 57 -8.40 4.82 -8.69
CA ILE A 57 -7.00 4.45 -8.84
C ILE A 57 -6.29 5.31 -9.88
N MET A 58 -5.00 5.01 -10.09
CA MET A 58 -4.17 5.79 -11.00
C MET A 58 -4.82 5.91 -12.39
N ASN A 59 -5.36 4.81 -12.89
CA ASN A 59 -6.03 4.82 -14.18
C ASN A 59 -7.52 5.13 -14.02
N GLY A 60 -8.11 4.59 -12.95
CA GLY A 60 -9.51 4.85 -12.67
C GLY A 60 -10.45 3.92 -13.44
N SER A 61 -9.91 3.25 -14.45
CA SER A 61 -10.70 2.38 -15.32
C SER A 61 -11.38 1.27 -14.53
N ARG A 62 -10.59 0.47 -13.83
CA ARG A 62 -11.12 -0.58 -12.99
C ARG A 62 -11.23 -0.09 -11.55
N ARG A 63 -11.93 1.02 -11.38
CA ARG A 63 -12.03 1.69 -10.09
C ARG A 63 -12.51 0.74 -9.00
N ARG A 64 -12.00 0.98 -7.80
CA ARG A 64 -12.28 0.17 -6.62
C ARG A 64 -11.81 -1.28 -6.78
N THR A 65 -10.57 -1.42 -7.20
CA THR A 65 -9.89 -2.71 -7.19
C THR A 65 -9.49 -3.07 -5.76
N PRO A 66 -9.59 -4.35 -5.35
CA PRO A 66 -9.32 -4.81 -3.97
C PRO A 66 -8.03 -4.24 -3.40
N GLY A 67 -6.91 -4.53 -4.07
CA GLY A 67 -5.64 -3.99 -3.64
C GLY A 67 -5.64 -2.48 -3.72
N GLY A 68 -6.25 -1.99 -4.78
CA GLY A 68 -6.36 -0.56 -5.00
C GLY A 68 -7.03 0.18 -3.84
N VAL A 69 -7.95 -0.49 -3.17
CA VAL A 69 -8.64 0.10 -2.03
C VAL A 69 -7.65 0.34 -0.89
N PHE A 70 -6.74 -0.60 -0.71
CA PHE A 70 -5.63 -0.42 0.22
C PHE A 70 -4.72 0.70 -0.27
N LEU A 71 -4.50 0.76 -1.59
CA LEU A 71 -3.70 1.84 -2.16
C LEU A 71 -4.33 3.18 -1.77
N ASN A 72 -5.66 3.19 -1.70
CA ASN A 72 -6.42 4.36 -1.26
C ASN A 72 -5.99 4.75 0.15
N LEU A 73 -5.77 3.75 0.97
CA LEU A 73 -5.38 3.94 2.36
C LEU A 73 -4.10 4.74 2.49
N LEU A 74 -3.20 4.54 1.56
CA LEU A 74 -1.93 5.24 1.58
C LEU A 74 -2.15 6.76 1.56
N LYS A 75 -3.01 7.25 0.69
CA LYS A 75 -3.25 8.68 0.63
C LYS A 75 -4.43 9.11 1.49
N ASN A 76 -5.14 8.13 2.04
CA ASN A 76 -6.32 8.40 2.87
C ASN A 76 -5.96 8.32 4.35
N THR A 77 -4.84 7.69 4.66
CA THR A 77 -4.43 7.49 6.04
C THR A 77 -4.29 8.83 6.76
N PRO A 78 -4.97 8.95 7.90
CA PRO A 78 -5.10 10.22 8.62
C PRO A 78 -3.82 10.63 9.35
N SER A 79 -2.99 9.65 9.70
CA SER A 79 -1.85 9.89 10.58
C SER A 79 -0.54 9.99 9.79
N ILE A 80 -0.59 9.80 8.48
CA ILE A 80 0.63 9.80 7.68
C ILE A 80 0.59 10.92 6.64
N SER A 81 1.71 11.61 6.48
CA SER A 81 1.80 12.75 5.57
C SER A 81 2.12 12.27 4.15
N GLU A 82 1.70 13.07 3.17
CA GLU A 82 1.68 12.66 1.76
C GLU A 82 3.08 12.37 1.21
N GLU A 83 4.09 13.06 1.72
CA GLU A 83 5.44 12.89 1.20
C GLU A 83 6.00 11.51 1.52
N GLN A 84 5.68 11.00 2.69
CA GLN A 84 6.05 9.64 3.06
C GLN A 84 5.32 8.65 2.17
N ILE A 85 4.09 9.00 1.85
CA ILE A 85 3.20 8.17 1.04
C ILE A 85 3.61 8.19 -0.44
N LYS A 86 4.04 9.37 -0.89
CA LYS A 86 4.46 9.59 -2.28
C LYS A 86 5.48 8.55 -2.73
N ASP A 87 6.38 8.19 -1.83
CA ASP A 87 7.46 7.26 -2.16
C ASP A 87 6.93 5.84 -2.32
N ILE A 88 5.90 5.51 -1.56
CA ILE A 88 5.43 4.15 -1.47
C ILE A 88 4.83 3.64 -2.78
N PHE A 89 3.71 4.20 -3.19
CA PHE A 89 2.96 3.65 -4.32
C PHE A 89 2.97 4.58 -5.53
N TYR A 90 3.10 5.87 -5.28
CA TYR A 90 2.97 6.88 -6.32
C TYR A 90 4.10 6.78 -7.33
N ILE A 91 5.29 6.45 -6.83
CA ILE A 91 6.45 6.28 -7.69
C ILE A 91 6.24 5.08 -8.61
N GLU A 92 5.76 3.98 -8.02
CA GLU A 92 5.41 2.76 -8.75
C GLU A 92 6.61 2.21 -9.53
N ASN A 93 6.75 2.60 -10.78
CA ASN A 93 7.80 2.09 -11.65
C ASN A 93 8.65 3.22 -12.22
N GLN A 94 8.39 4.43 -11.72
CA GLN A 94 9.08 5.62 -12.21
C GLN A 94 10.57 5.57 -11.87
N LYS A 95 11.40 5.41 -12.91
CA LYS A 95 12.84 5.40 -12.74
C LYS A 95 13.47 6.44 -13.65
N GLU A 96 14.67 6.87 -13.30
CA GLU A 96 15.40 7.84 -14.12
C GLU A 96 16.79 7.34 -14.44
N TYR A 97 17.40 6.59 -13.52
CA TYR A 97 18.73 6.06 -13.71
C TYR A 97 18.68 4.67 -14.35
N GLU A 98 17.74 4.48 -15.26
CA GLU A 98 17.62 3.23 -15.98
C GLU A 98 18.32 3.35 -17.33
N ASN A 99 19.11 2.34 -17.67
CA ASN A 99 19.86 2.35 -18.91
C ASN A 99 20.20 0.93 -19.35
N LYS A 100 20.32 0.76 -20.67
CA LYS A 100 20.63 -0.54 -21.26
C LYS A 100 20.76 -0.38 -22.77
N LYS A 101 19.87 0.40 -23.36
CA LYS A 101 19.95 0.76 -24.77
C LYS A 101 19.12 2.01 -25.04
N ALA A 102 19.80 3.15 -25.07
CA ALA A 102 19.16 4.44 -25.32
C ALA A 102 18.14 4.76 -24.24
N ALA A 103 18.39 4.25 -23.02
CA ALA A 103 17.46 4.39 -21.89
C ALA A 103 16.09 3.82 -22.25
N ARG A 104 16.08 2.86 -23.15
CA ARG A 104 14.86 2.26 -23.65
C ARG A 104 14.83 0.77 -23.31
N GLY A 1 0.53 -4.53 26.76
CA GLY A 1 0.70 -5.83 26.05
C GLY A 1 -0.17 -5.93 24.83
N ALA A 2 0.10 -5.09 23.83
CA ALA A 2 -0.65 -5.10 22.59
C ALA A 2 -0.42 -6.40 21.84
N MET A 3 -1.41 -7.26 21.86
CA MET A 3 -1.29 -8.59 21.27
C MET A 3 -1.54 -8.54 19.76
N ALA A 4 -0.62 -7.92 19.04
CA ALA A 4 -0.72 -7.84 17.60
C ALA A 4 0.01 -9.00 16.94
N GLU A 5 1.27 -9.21 17.33
CA GLU A 5 2.11 -10.26 16.74
C GLU A 5 2.21 -10.05 15.23
N ASP A 6 2.34 -8.79 14.86
CA ASP A 6 2.40 -8.38 13.48
C ASP A 6 3.85 -8.26 13.02
N SER A 7 4.52 -9.40 12.94
CA SER A 7 5.90 -9.46 12.47
C SER A 7 5.96 -9.06 10.99
N GLN A 8 6.88 -8.14 10.66
CA GLN A 8 6.87 -7.47 9.36
C GLN A 8 6.80 -8.44 8.17
N GLU A 9 7.62 -9.49 8.21
CA GLU A 9 7.63 -10.48 7.13
C GLU A 9 6.29 -11.19 7.01
N LYS A 10 5.74 -11.62 8.15
CA LYS A 10 4.42 -12.23 8.18
C LYS A 10 3.39 -11.25 7.64
N VAL A 11 3.53 -9.99 8.04
CA VAL A 11 2.64 -8.92 7.58
C VAL A 11 2.71 -8.79 6.06
N ALA A 12 3.90 -8.54 5.53
CA ALA A 12 4.08 -8.32 4.10
C ALA A 12 3.54 -9.48 3.28
N ASP A 13 3.75 -10.68 3.80
CA ASP A 13 3.27 -11.89 3.16
C ASP A 13 1.74 -11.93 3.14
N GLU A 14 1.14 -11.48 4.24
CA GLU A 14 -0.30 -11.54 4.39
C GLU A 14 -1.01 -10.46 3.59
N ILE A 15 -0.44 -9.26 3.54
CA ILE A 15 -1.10 -8.15 2.84
C ILE A 15 -1.26 -8.50 1.36
N SER A 16 -0.19 -9.00 0.75
CA SER A 16 -0.20 -9.37 -0.65
C SER A 16 -1.27 -10.42 -0.92
N PHE A 17 -1.43 -11.35 0.02
CA PHE A 17 -2.44 -12.38 -0.08
C PHE A 17 -3.84 -11.79 0.07
N ARG A 18 -4.00 -10.91 1.06
CA ARG A 18 -5.31 -10.33 1.35
C ARG A 18 -5.82 -9.43 0.24
N LEU A 19 -4.95 -8.60 -0.30
CA LEU A 19 -5.35 -7.72 -1.39
C LEU A 19 -5.37 -8.45 -2.71
N GLN A 20 -4.84 -9.69 -2.71
CA GLN A 20 -4.61 -10.44 -3.93
C GLN A 20 -3.79 -9.59 -4.88
N GLU A 21 -2.94 -8.76 -4.26
CA GLU A 21 -2.23 -7.71 -4.98
C GLU A 21 -1.17 -8.27 -5.92
N PRO A 22 -1.21 -7.79 -7.18
CA PRO A 22 -0.23 -8.15 -8.23
C PRO A 22 1.19 -7.67 -7.91
N LYS A 23 1.32 -6.38 -7.67
CA LYS A 23 2.61 -5.77 -7.42
C LYS A 23 2.99 -5.90 -5.95
N LYS A 24 3.25 -7.14 -5.54
CA LYS A 24 3.49 -7.49 -4.15
C LYS A 24 4.73 -6.81 -3.59
N ASP A 25 5.61 -6.36 -4.47
CA ASP A 25 6.79 -5.59 -4.07
C ASP A 25 6.35 -4.34 -3.31
N LEU A 26 5.30 -3.70 -3.82
CA LEU A 26 4.81 -2.45 -3.27
C LEU A 26 4.10 -2.69 -1.94
N ILE A 27 3.28 -3.74 -1.88
CA ILE A 27 2.51 -4.05 -0.68
C ILE A 27 3.44 -4.32 0.50
N ALA A 28 4.61 -4.89 0.21
CA ALA A 28 5.64 -5.11 1.22
C ALA A 28 6.33 -3.79 1.56
N ARG A 29 6.50 -2.93 0.57
CA ARG A 29 7.16 -1.65 0.78
C ARG A 29 6.36 -0.79 1.76
N VAL A 30 5.04 -0.80 1.63
CA VAL A 30 4.17 -0.03 2.53
C VAL A 30 4.50 -0.40 3.97
N VAL A 31 4.62 -1.70 4.20
CA VAL A 31 5.04 -2.25 5.48
C VAL A 31 6.35 -1.62 5.93
N ARG A 32 7.33 -1.65 5.04
CA ARG A 32 8.66 -1.15 5.32
C ARG A 32 8.64 0.34 5.70
N ILE A 33 7.86 1.12 4.97
CA ILE A 33 7.85 2.57 5.16
C ILE A 33 7.11 3.01 6.43
N ILE A 34 5.87 2.56 6.61
CA ILE A 34 5.04 3.07 7.71
C ILE A 34 5.11 2.17 8.95
N GLY A 35 5.75 1.03 8.80
CA GLY A 35 5.88 0.12 9.92
C GLY A 35 4.90 -1.03 9.86
N ASN A 36 5.19 -2.07 10.61
CA ASN A 36 4.38 -3.28 10.62
C ASN A 36 2.98 -3.00 11.16
N LYS A 37 2.89 -2.21 12.22
CA LYS A 37 1.61 -1.96 12.86
C LYS A 37 0.69 -1.16 11.95
N LYS A 38 1.18 -0.06 11.41
CA LYS A 38 0.39 0.78 10.52
C LYS A 38 -0.04 0.03 9.27
N ALA A 39 0.73 -0.98 8.88
CA ALA A 39 0.36 -1.82 7.76
C ALA A 39 -0.89 -2.63 8.10
N ILE A 40 -0.88 -3.25 9.27
CA ILE A 40 -2.02 -4.03 9.75
C ILE A 40 -3.21 -3.11 10.01
N GLU A 41 -2.92 -1.94 10.55
CA GLU A 41 -3.94 -0.92 10.74
C GLU A 41 -4.62 -0.60 9.42
N LEU A 42 -3.84 -0.57 8.34
CA LEU A 42 -4.37 -0.27 7.02
C LEU A 42 -5.40 -1.29 6.56
N LEU A 43 -5.15 -2.58 6.75
CA LEU A 43 -6.13 -3.58 6.34
C LEU A 43 -7.43 -3.44 7.13
N MET A 44 -7.34 -2.95 8.35
CA MET A 44 -8.55 -2.59 9.11
C MET A 44 -9.15 -1.29 8.54
N GLU A 45 -8.26 -0.39 8.14
CA GLU A 45 -8.67 0.89 7.54
C GLU A 45 -9.35 0.68 6.18
N THR A 46 -9.04 -0.43 5.49
CA THR A 46 -9.70 -0.73 4.22
C THR A 46 -11.22 -0.74 4.39
N ALA A 47 -11.66 -1.30 5.52
CA ALA A 47 -13.08 -1.34 5.85
C ALA A 47 -13.66 0.05 5.96
N GLU A 48 -12.85 0.99 6.41
CA GLU A 48 -13.27 2.37 6.53
C GLU A 48 -13.40 2.99 5.13
N VAL A 49 -12.62 2.48 4.18
CA VAL A 49 -12.80 2.85 2.78
C VAL A 49 -14.11 2.26 2.25
N GLU A 50 -14.35 1.01 2.62
CA GLU A 50 -15.57 0.30 2.22
C GLU A 50 -16.80 1.08 2.66
N GLN A 51 -16.76 1.60 3.89
CA GLN A 51 -17.90 2.29 4.45
C GLN A 51 -17.96 3.75 4.00
N ASN A 52 -16.84 4.29 3.51
CA ASN A 52 -16.75 5.71 3.22
C ASN A 52 -17.23 6.05 1.80
N GLY A 53 -17.13 5.10 0.89
CA GLY A 53 -17.61 5.32 -0.46
C GLY A 53 -16.75 4.68 -1.52
N GLY A 54 -15.55 4.24 -1.14
CA GLY A 54 -14.75 3.46 -2.05
C GLY A 54 -13.46 4.12 -2.50
N LEU A 55 -13.20 4.08 -3.81
CA LEU A 55 -11.88 4.34 -4.36
C LEU A 55 -11.97 4.64 -5.86
N PHE A 56 -11.31 5.70 -6.28
CA PHE A 56 -11.09 5.98 -7.70
C PHE A 56 -9.59 5.94 -7.97
N ILE A 57 -9.15 4.92 -8.70
CA ILE A 57 -7.72 4.64 -8.87
C ILE A 57 -7.04 5.56 -9.88
N MET A 58 -5.74 5.33 -10.10
CA MET A 58 -4.93 6.16 -10.99
C MET A 58 -5.60 6.33 -12.35
N ASN A 59 -6.08 5.21 -12.91
CA ASN A 59 -6.81 5.23 -14.17
C ASN A 59 -8.31 5.35 -13.91
N GLY A 60 -8.77 4.68 -12.85
CA GLY A 60 -10.12 4.89 -12.37
C GLY A 60 -11.17 4.04 -13.08
N SER A 61 -10.87 3.56 -14.27
CA SER A 61 -11.82 2.77 -15.05
C SER A 61 -12.10 1.45 -14.34
N ARG A 62 -11.04 0.79 -13.89
CA ARG A 62 -11.17 -0.47 -13.16
C ARG A 62 -11.39 -0.17 -11.67
N ARG A 63 -12.24 0.81 -11.43
CA ARG A 63 -12.50 1.36 -10.10
C ARG A 63 -12.73 0.28 -9.04
N ARG A 64 -12.03 0.44 -7.92
CA ARG A 64 -12.19 -0.42 -6.75
C ARG A 64 -11.69 -1.82 -7.00
N THR A 65 -10.43 -1.90 -7.35
CA THR A 65 -9.72 -3.15 -7.43
C THR A 65 -9.24 -3.51 -6.00
N PRO A 66 -9.22 -4.81 -5.63
CA PRO A 66 -8.91 -5.27 -4.25
C PRO A 66 -7.68 -4.60 -3.65
N GLY A 67 -6.53 -4.77 -4.29
CA GLY A 67 -5.32 -4.13 -3.81
C GLY A 67 -5.43 -2.62 -3.93
N GLY A 68 -6.06 -2.19 -5.01
CA GLY A 68 -6.28 -0.78 -5.25
C GLY A 68 -7.03 -0.10 -4.12
N VAL A 69 -7.92 -0.84 -3.46
CA VAL A 69 -8.63 -0.32 -2.31
C VAL A 69 -7.63 0.01 -1.20
N PHE A 70 -6.67 -0.87 -1.03
CA PHE A 70 -5.58 -0.64 -0.09
C PHE A 70 -4.75 0.56 -0.53
N LEU A 71 -4.55 0.73 -1.83
CA LEU A 71 -3.80 1.89 -2.30
C LEU A 71 -4.51 3.14 -1.80
N ASN A 72 -5.84 3.14 -1.90
CA ASN A 72 -6.66 4.30 -1.50
C ASN A 72 -6.38 4.67 -0.05
N LEU A 73 -5.96 3.70 0.73
CA LEU A 73 -5.64 3.91 2.14
C LEU A 73 -4.62 4.99 2.32
N LEU A 74 -3.61 4.98 1.47
CA LEU A 74 -2.58 6.00 1.52
C LEU A 74 -3.17 7.39 1.27
N LYS A 75 -4.35 7.44 0.67
CA LYS A 75 -5.03 8.70 0.39
C LYS A 75 -5.97 9.10 1.53
N ASN A 76 -6.41 8.13 2.32
CA ASN A 76 -7.42 8.38 3.35
C ASN A 76 -6.85 8.18 4.75
N THR A 77 -5.67 7.58 4.83
CA THR A 77 -5.10 7.19 6.11
C THR A 77 -4.89 8.41 7.02
N PRO A 78 -5.31 8.28 8.28
CA PRO A 78 -5.45 9.41 9.21
C PRO A 78 -4.12 9.95 9.75
N SER A 79 -3.16 9.07 10.01
CA SER A 79 -1.97 9.47 10.77
C SER A 79 -0.67 9.48 9.93
N ILE A 80 -0.78 9.49 8.61
CA ILE A 80 0.42 9.50 7.77
C ILE A 80 0.51 10.80 6.97
N SER A 81 1.70 11.40 6.97
CA SER A 81 1.91 12.68 6.29
C SER A 81 1.99 12.49 4.76
N GLU A 82 1.45 13.50 4.07
CA GLU A 82 1.19 13.46 2.62
C GLU A 82 2.42 13.07 1.79
N GLU A 83 3.57 13.65 2.09
CA GLU A 83 4.77 13.38 1.32
C GLU A 83 5.25 11.95 1.54
N GLN A 84 5.21 11.50 2.80
CA GLN A 84 5.64 10.16 3.16
C GLN A 84 4.81 9.13 2.40
N ILE A 85 3.56 9.50 2.15
CA ILE A 85 2.64 8.68 1.38
C ILE A 85 3.08 8.55 -0.07
N LYS A 86 3.46 9.69 -0.66
CA LYS A 86 3.83 9.76 -2.08
C LYS A 86 4.98 8.79 -2.39
N ASP A 87 5.92 8.70 -1.46
CA ASP A 87 7.14 7.93 -1.66
C ASP A 87 6.88 6.44 -1.77
N ILE A 88 5.86 5.96 -1.08
CA ILE A 88 5.62 4.53 -1.00
C ILE A 88 5.14 3.95 -2.33
N PHE A 89 3.91 4.26 -2.68
CA PHE A 89 3.20 3.52 -3.73
C PHE A 89 3.30 4.21 -5.09
N TYR A 90 3.60 5.50 -5.08
CA TYR A 90 3.43 6.32 -6.26
C TYR A 90 4.71 6.42 -7.09
N ILE A 91 5.82 5.94 -6.53
CA ILE A 91 7.10 6.05 -7.22
C ILE A 91 7.38 4.82 -8.09
N GLU A 92 7.69 3.70 -7.43
CA GLU A 92 8.11 2.47 -8.11
C GLU A 92 9.15 2.71 -9.20
N ASN A 93 8.71 2.79 -10.45
CA ASN A 93 9.63 2.92 -11.59
C ASN A 93 10.12 4.36 -11.75
N GLN A 94 9.25 5.33 -11.50
CA GLN A 94 9.61 6.73 -11.70
C GLN A 94 10.39 7.25 -10.50
N LYS A 95 11.64 6.82 -10.40
CA LYS A 95 12.52 7.21 -9.31
C LYS A 95 13.02 8.64 -9.51
N GLU A 96 13.81 8.83 -10.55
CA GLU A 96 14.39 10.14 -10.85
C GLU A 96 15.01 10.13 -12.25
N TYR A 97 14.20 10.39 -13.26
CA TYR A 97 14.67 10.39 -14.63
C TYR A 97 15.19 11.77 -15.04
N GLU A 98 15.94 12.40 -14.15
CA GLU A 98 16.51 13.71 -14.41
C GLU A 98 17.78 13.58 -15.25
N ASN A 99 17.64 12.99 -16.42
CA ASN A 99 18.77 12.81 -17.33
C ASN A 99 18.91 14.04 -18.22
N LYS A 100 20.07 14.16 -18.87
CA LYS A 100 20.28 15.25 -19.80
C LYS A 100 20.01 14.76 -21.22
N LYS A 101 19.47 15.63 -22.05
CA LYS A 101 19.07 15.25 -23.39
C LYS A 101 19.94 15.95 -24.43
N ALA A 102 21.15 15.45 -24.60
CA ALA A 102 22.06 15.98 -25.60
C ALA A 102 22.63 14.86 -26.45
N ALA A 103 23.60 14.14 -25.91
CA ALA A 103 24.19 13.00 -26.60
C ALA A 103 23.57 11.71 -26.09
N ARG A 104 22.26 11.60 -26.26
CA ARG A 104 21.51 10.44 -25.79
C ARG A 104 20.19 10.35 -26.54
#